data_2LWR
#
_entry.id   2LWR
#
_cell.length_a   1.000
_cell.length_b   1.000
_cell.length_c   1.000
_cell.angle_alpha   90.00
_cell.angle_beta   90.00
_cell.angle_gamma   90.00
#
_symmetry.space_group_name_H-M   'P 1'
#
loop_
_entity.id
_entity.type
_entity.pdbx_description
1 polymer SD01679p
2 non-polymer 'ZINC ION'
#
_entity_poly.entity_id   1
_entity_poly.type   'polypeptide(L)'
_entity_poly.pdbx_seq_one_letter_code
;GSAEARWDEASNVTIKVSTKPCPKCRTPTERDGGCMHMVCTRAGCGFEWCWVCQTEWTRDCMGAHWFG
;
_entity_poly.pdbx_strand_id   A
#
# COMPACT_ATOMS: atom_id res chain seq x y z
N GLY A 1 35.01 17.13 -9.67
CA GLY A 1 34.21 18.36 -9.65
C GLY A 1 32.89 18.17 -8.96
N SER A 2 32.58 19.04 -8.04
CA SER A 2 31.32 18.96 -7.30
C SER A 2 30.39 20.09 -7.72
N ALA A 3 29.10 19.82 -7.71
CA ALA A 3 28.11 20.80 -8.10
C ALA A 3 27.97 21.89 -7.03
N GLU A 4 27.94 23.13 -7.46
CA GLU A 4 27.80 24.25 -6.55
C GLU A 4 26.33 24.47 -6.21
N ALA A 5 25.45 24.04 -7.11
CA ALA A 5 24.03 24.17 -6.89
C ALA A 5 23.40 22.83 -6.61
N ARG A 6 22.11 22.85 -6.33
CA ARG A 6 21.37 21.66 -6.05
C ARG A 6 20.79 21.07 -7.34
N TRP A 7 21.42 20.03 -7.84
CA TRP A 7 20.95 19.36 -9.05
C TRP A 7 20.35 18.01 -8.70
N ASP A 8 21.02 17.30 -7.83
CA ASP A 8 20.59 15.99 -7.41
C ASP A 8 20.04 16.04 -5.99
N GLU A 9 18.93 15.37 -5.77
CA GLU A 9 18.30 15.33 -4.46
C GLU A 9 18.71 14.07 -3.72
N ALA A 10 19.33 14.24 -2.57
CA ALA A 10 19.77 13.11 -1.77
C ALA A 10 18.59 12.46 -1.07
N SER A 11 18.32 11.23 -1.43
CA SER A 11 17.19 10.51 -0.87
C SER A 11 17.67 9.24 -0.15
N ASN A 12 16.90 8.80 0.83
CA ASN A 12 17.24 7.60 1.56
C ASN A 12 16.28 6.49 1.22
N VAL A 13 16.80 5.36 0.79
CA VAL A 13 15.95 4.26 0.41
C VAL A 13 16.06 3.10 1.39
N THR A 14 15.09 3.02 2.28
CA THR A 14 14.99 1.95 3.24
C THR A 14 13.55 1.47 3.29
N ILE A 15 12.77 1.96 2.34
CA ILE A 15 11.37 1.69 2.28
C ILE A 15 11.07 0.64 1.18
N LYS A 16 10.08 -0.22 1.43
CA LYS A 16 9.66 -1.23 0.46
C LYS A 16 9.13 -0.57 -0.80
N VAL A 17 8.33 0.45 -0.61
CA VAL A 17 7.73 1.22 -1.68
C VAL A 17 6.95 2.36 -1.06
N SER A 18 6.89 3.50 -1.74
CA SER A 18 6.22 4.69 -1.21
C SER A 18 4.81 4.38 -0.73
N THR A 19 4.00 3.82 -1.60
CA THR A 19 2.63 3.52 -1.25
C THR A 19 2.20 2.19 -1.81
N LYS A 20 1.16 1.62 -1.22
CA LYS A 20 0.61 0.37 -1.69
C LYS A 20 -0.72 0.63 -2.37
N PRO A 21 -0.91 0.12 -3.58
CA PRO A 21 -2.15 0.34 -4.33
C PRO A 21 -3.34 -0.45 -3.77
N CYS A 22 -4.49 0.22 -3.70
CA CYS A 22 -5.73 -0.41 -3.26
C CYS A 22 -6.16 -1.47 -4.27
N PRO A 23 -6.72 -2.58 -3.81
CA PRO A 23 -7.17 -3.66 -4.70
C PRO A 23 -8.26 -3.19 -5.67
N LYS A 24 -8.86 -2.04 -5.38
CA LYS A 24 -9.91 -1.49 -6.23
C LYS A 24 -9.45 -0.20 -6.90
N CYS A 25 -9.14 0.78 -6.07
CA CYS A 25 -8.75 2.10 -6.54
C CYS A 25 -7.33 2.11 -7.06
N ARG A 26 -6.49 1.26 -6.47
CA ARG A 26 -5.06 1.23 -6.78
C ARG A 26 -4.44 2.57 -6.45
N THR A 27 -5.05 3.26 -5.51
CA THR A 27 -4.61 4.55 -5.04
C THR A 27 -3.35 4.42 -4.21
N PRO A 28 -2.59 5.50 -4.08
CA PRO A 28 -1.37 5.52 -3.28
C PRO A 28 -1.67 5.47 -1.77
N THR A 29 -1.88 4.28 -1.25
CA THR A 29 -2.17 4.11 0.15
C THR A 29 -0.88 4.09 0.96
N GLU A 30 -0.76 5.05 1.86
CA GLU A 30 0.41 5.15 2.73
C GLU A 30 0.55 3.94 3.62
N ARG A 31 1.74 3.39 3.66
CA ARG A 31 2.02 2.24 4.48
C ARG A 31 2.78 2.65 5.72
N ASP A 32 2.05 2.95 6.76
CA ASP A 32 2.64 3.43 7.99
C ASP A 32 1.89 2.87 9.18
N GLY A 33 2.60 2.66 10.26
CA GLY A 33 1.99 2.12 11.45
C GLY A 33 2.64 0.82 11.88
N GLY A 34 2.46 0.46 13.13
CA GLY A 34 3.04 -0.76 13.64
C GLY A 34 2.17 -1.97 13.39
N CYS A 35 0.88 -1.72 13.15
CA CYS A 35 -0.06 -2.80 12.89
C CYS A 35 0.01 -3.24 11.44
N MET A 36 -0.60 -4.37 11.14
CA MET A 36 -0.58 -4.91 9.80
C MET A 36 -1.99 -4.92 9.21
N HIS A 37 -2.75 -3.89 9.56
CA HIS A 37 -4.08 -3.69 9.03
C HIS A 37 -4.04 -2.46 8.14
N MET A 38 -4.39 -2.63 6.88
CA MET A 38 -4.30 -1.53 5.95
C MET A 38 -5.67 -1.02 5.54
N VAL A 39 -5.74 0.28 5.31
CA VAL A 39 -6.98 0.94 4.94
C VAL A 39 -6.76 1.86 3.76
N CYS A 40 -7.59 1.73 2.74
CA CYS A 40 -7.53 2.65 1.62
C CYS A 40 -8.10 3.97 2.08
N THR A 41 -7.22 4.90 2.36
CA THR A 41 -7.59 6.18 2.90
C THR A 41 -8.16 7.12 1.82
N ARG A 42 -8.56 6.55 0.68
CA ARG A 42 -9.20 7.31 -0.36
C ARG A 42 -10.57 7.78 0.13
N ALA A 43 -10.83 9.07 -0.01
CA ALA A 43 -12.11 9.63 0.40
C ALA A 43 -13.23 9.07 -0.46
N GLY A 44 -13.96 8.13 0.10
CA GLY A 44 -15.02 7.48 -0.64
C GLY A 44 -14.83 5.98 -0.68
N CYS A 45 -13.66 5.53 -0.24
CA CYS A 45 -13.36 4.11 -0.22
C CYS A 45 -13.40 3.59 1.20
N GLY A 46 -12.30 3.78 1.93
CA GLY A 46 -12.23 3.30 3.29
C GLY A 46 -12.19 1.79 3.36
N PHE A 47 -11.80 1.17 2.26
CA PHE A 47 -11.73 -0.27 2.17
C PHE A 47 -10.56 -0.79 2.97
N GLU A 48 -10.79 -1.83 3.73
CA GLU A 48 -9.78 -2.41 4.57
C GLU A 48 -9.25 -3.70 3.96
N TRP A 49 -7.97 -3.90 4.05
CA TRP A 49 -7.33 -5.08 3.53
C TRP A 49 -6.17 -5.49 4.41
N CYS A 50 -5.82 -6.77 4.37
CA CYS A 50 -4.80 -7.28 5.26
C CYS A 50 -3.37 -7.13 4.72
N TRP A 51 -2.83 -5.91 4.87
CA TRP A 51 -1.46 -5.47 4.49
C TRP A 51 -0.74 -6.36 3.44
N VAL A 52 -0.27 -7.53 3.88
CA VAL A 52 0.49 -8.46 3.03
C VAL A 52 -0.31 -8.85 1.79
N CYS A 53 -1.55 -9.23 2.01
CA CYS A 53 -2.43 -9.66 0.95
C CYS A 53 -3.03 -8.47 0.23
N GLN A 54 -2.56 -8.21 -0.98
CA GLN A 54 -3.09 -7.09 -1.75
C GLN A 54 -4.39 -7.52 -2.41
N THR A 55 -5.44 -7.50 -1.63
CA THR A 55 -6.77 -7.88 -2.05
C THR A 55 -7.74 -7.46 -0.95
N GLU A 56 -8.81 -8.17 -0.76
CA GLU A 56 -9.75 -7.86 0.31
C GLU A 56 -9.28 -8.51 1.60
N TRP A 57 -9.96 -8.22 2.69
CA TRP A 57 -9.61 -8.83 3.95
C TRP A 57 -9.80 -10.34 3.86
N THR A 58 -8.70 -11.05 3.85
CA THR A 58 -8.74 -12.47 3.72
C THR A 58 -9.08 -13.12 5.05
N ARG A 59 -10.26 -13.75 5.12
CA ARG A 59 -10.70 -14.39 6.35
C ARG A 59 -9.89 -15.63 6.65
N ASP A 60 -9.18 -16.13 5.65
CA ASP A 60 -8.32 -17.30 5.82
C ASP A 60 -7.14 -16.97 6.73
N CYS A 61 -6.47 -15.87 6.45
CA CYS A 61 -5.31 -15.46 7.23
C CYS A 61 -5.71 -14.50 8.33
N MET A 62 -7.02 -14.35 8.53
CA MET A 62 -7.55 -13.50 9.60
C MET A 62 -7.03 -13.98 10.94
N GLY A 63 -6.27 -13.13 11.60
CA GLY A 63 -5.68 -13.50 12.86
C GLY A 63 -4.18 -13.41 12.79
N ALA A 64 -3.62 -13.85 11.67
CA ALA A 64 -2.19 -13.79 11.43
C ALA A 64 -1.81 -12.38 11.00
N HIS A 65 -2.74 -11.74 10.32
CA HIS A 65 -2.56 -10.36 9.90
C HIS A 65 -3.04 -9.43 11.00
N TRP A 66 -3.43 -8.21 10.62
CA TRP A 66 -3.95 -7.18 11.55
C TRP A 66 -2.84 -6.58 12.41
N PHE A 67 -2.09 -7.44 13.06
CA PHE A 67 -0.99 -7.03 13.90
C PHE A 67 0.22 -7.91 13.62
N GLY A 68 1.36 -7.28 13.39
CA GLY A 68 2.55 -8.02 13.08
C GLY A 68 3.68 -7.09 12.73
N GLY A 1 13.06 6.70 -38.46
CA GLY A 1 13.00 5.29 -38.01
C GLY A 1 11.87 5.06 -37.05
N SER A 2 12.17 4.45 -35.91
CA SER A 2 11.17 4.19 -34.90
C SER A 2 11.58 4.86 -33.58
N ALA A 3 10.71 5.71 -33.06
CA ALA A 3 10.98 6.41 -31.82
C ALA A 3 10.52 5.58 -30.63
N GLU A 4 11.46 4.90 -30.02
CA GLU A 4 11.16 4.06 -28.88
C GLU A 4 12.38 4.02 -27.95
N ALA A 5 12.13 4.12 -26.66
CA ALA A 5 13.18 4.08 -25.65
C ALA A 5 12.57 3.78 -24.31
N ARG A 6 13.39 3.74 -23.28
CA ARG A 6 12.87 3.53 -21.95
C ARG A 6 12.26 4.82 -21.42
N TRP A 7 10.95 4.87 -21.40
CA TRP A 7 10.25 6.05 -20.96
C TRP A 7 10.20 6.11 -19.44
N ASP A 8 10.30 4.94 -18.82
CA ASP A 8 10.38 4.85 -17.36
C ASP A 8 11.75 5.36 -16.93
N GLU A 9 11.81 6.64 -16.61
CA GLU A 9 13.05 7.27 -16.26
C GLU A 9 12.95 7.96 -14.91
N ALA A 10 14.11 8.19 -14.28
CA ALA A 10 14.19 8.85 -12.98
C ALA A 10 13.47 8.05 -11.90
N SER A 11 13.53 6.73 -12.02
CA SER A 11 12.86 5.86 -11.08
C SER A 11 13.67 5.72 -9.79
N ASN A 12 14.70 4.86 -9.83
CA ASN A 12 15.56 4.58 -8.66
C ASN A 12 14.73 3.96 -7.52
N VAL A 13 13.55 3.45 -7.87
CA VAL A 13 12.66 2.87 -6.89
C VAL A 13 13.11 1.46 -6.52
N THR A 14 14.08 1.37 -5.64
CA THR A 14 14.55 0.10 -5.14
C THR A 14 14.01 -0.11 -3.73
N ILE A 15 13.54 0.97 -3.14
CA ILE A 15 12.97 0.93 -1.82
C ILE A 15 11.45 0.78 -1.95
N LYS A 16 10.82 0.18 -0.96
CA LYS A 16 9.39 0.00 -0.98
C LYS A 16 8.71 1.34 -0.79
N VAL A 17 8.00 1.77 -1.82
CA VAL A 17 7.28 3.04 -1.80
C VAL A 17 6.30 3.08 -0.60
N SER A 18 6.17 4.25 0.01
CA SER A 18 5.32 4.42 1.18
C SER A 18 3.83 4.35 0.85
N THR A 19 3.51 4.36 -0.42
CA THR A 19 2.14 4.28 -0.85
C THR A 19 1.92 3.10 -1.80
N LYS A 20 0.98 2.25 -1.45
CA LYS A 20 0.67 1.09 -2.25
C LYS A 20 -0.73 1.23 -2.84
N PRO A 21 -0.92 0.87 -4.10
CA PRO A 21 -2.22 1.00 -4.78
C PRO A 21 -3.28 0.05 -4.22
N CYS A 22 -4.46 0.60 -3.95
CA CYS A 22 -5.59 -0.19 -3.51
C CYS A 22 -5.92 -1.21 -4.61
N PRO A 23 -6.27 -2.44 -4.23
CA PRO A 23 -6.60 -3.47 -5.22
C PRO A 23 -7.83 -3.11 -6.05
N LYS A 24 -8.56 -2.09 -5.62
CA LYS A 24 -9.76 -1.67 -6.32
C LYS A 24 -9.59 -0.29 -6.95
N CYS A 25 -9.23 0.69 -6.13
CA CYS A 25 -9.07 2.06 -6.61
C CYS A 25 -7.69 2.29 -7.21
N ARG A 26 -6.74 1.49 -6.78
CA ARG A 26 -5.34 1.64 -7.17
C ARG A 26 -4.81 2.99 -6.73
N THR A 27 -5.41 3.53 -5.68
CA THR A 27 -5.02 4.79 -5.11
C THR A 27 -3.79 4.61 -4.22
N PRO A 28 -3.01 5.68 -4.04
CA PRO A 28 -1.80 5.63 -3.21
C PRO A 28 -2.11 5.48 -1.73
N THR A 29 -2.20 4.25 -1.27
CA THR A 29 -2.48 3.96 0.12
C THR A 29 -1.21 4.04 0.94
N GLU A 30 -1.16 4.98 1.87
CA GLU A 30 -0.02 5.13 2.74
C GLU A 30 0.10 3.92 3.64
N ARG A 31 1.15 3.14 3.43
CA ARG A 31 1.38 1.98 4.24
C ARG A 31 1.83 2.40 5.64
N ASP A 32 0.89 2.43 6.54
CA ASP A 32 1.14 2.88 7.89
C ASP A 32 0.39 2.02 8.89
N GLY A 33 1.13 1.30 9.71
CA GLY A 33 0.50 0.46 10.70
C GLY A 33 1.40 -0.69 11.13
N GLY A 34 1.92 -0.60 12.33
CA GLY A 34 2.79 -1.64 12.86
C GLY A 34 2.05 -2.94 13.08
N CYS A 35 0.73 -2.86 13.21
CA CYS A 35 -0.10 -4.04 13.40
C CYS A 35 -0.34 -4.76 12.06
N MET A 36 0.38 -4.32 11.03
CA MET A 36 0.36 -4.97 9.72
C MET A 36 -1.05 -4.91 9.07
N HIS A 37 -1.81 -3.89 9.43
CA HIS A 37 -3.13 -3.66 8.85
C HIS A 37 -3.10 -2.37 8.03
N MET A 38 -3.46 -2.44 6.76
CA MET A 38 -3.43 -1.26 5.89
C MET A 38 -4.84 -0.80 5.53
N VAL A 39 -5.02 0.51 5.44
CA VAL A 39 -6.31 1.09 5.12
C VAL A 39 -6.21 2.00 3.90
N CYS A 40 -7.07 1.76 2.90
CA CYS A 40 -7.11 2.57 1.68
C CYS A 40 -7.28 4.04 2.05
N THR A 41 -6.53 4.88 1.39
CA THR A 41 -6.54 6.29 1.68
C THR A 41 -7.69 7.02 1.00
N ARG A 42 -8.47 6.29 0.21
CA ARG A 42 -9.60 6.88 -0.47
C ARG A 42 -10.80 6.95 0.48
N ALA A 43 -11.29 8.16 0.72
CA ALA A 43 -12.40 8.38 1.63
C ALA A 43 -13.67 7.68 1.16
N GLY A 44 -13.84 7.62 -0.15
CA GLY A 44 -15.00 6.96 -0.72
C GLY A 44 -14.81 5.45 -0.81
N CYS A 45 -13.74 4.97 -0.17
CA CYS A 45 -13.45 3.55 -0.18
C CYS A 45 -13.43 3.03 1.26
N GLY A 46 -12.45 3.47 2.03
CA GLY A 46 -12.32 3.00 3.41
C GLY A 46 -12.01 1.52 3.45
N PHE A 47 -11.42 1.04 2.39
CA PHE A 47 -11.10 -0.37 2.23
C PHE A 47 -9.95 -0.77 3.13
N GLU A 48 -10.18 -1.79 3.93
CA GLU A 48 -9.15 -2.28 4.83
C GLU A 48 -8.65 -3.63 4.35
N TRP A 49 -7.42 -3.66 3.90
CA TRP A 49 -6.82 -4.87 3.39
C TRP A 49 -5.58 -5.24 4.19
N CYS A 50 -5.37 -6.53 4.34
CA CYS A 50 -4.25 -7.00 5.11
C CYS A 50 -2.93 -6.82 4.36
N TRP A 51 -1.95 -6.31 5.07
CA TRP A 51 -0.61 -5.95 4.58
C TRP A 51 0.03 -7.02 3.67
N VAL A 52 0.05 -8.27 4.12
CA VAL A 52 0.69 -9.36 3.37
C VAL A 52 -0.05 -9.64 2.05
N CYS A 53 -1.38 -9.67 2.11
CA CYS A 53 -2.18 -9.93 0.93
C CYS A 53 -2.22 -8.71 0.02
N GLN A 54 -2.87 -8.83 -1.11
CA GLN A 54 -3.00 -7.73 -2.03
C GLN A 54 -4.43 -7.68 -2.56
N THR A 55 -5.31 -8.28 -1.79
CA THR A 55 -6.72 -8.34 -2.11
C THR A 55 -7.54 -7.93 -0.89
N GLU A 56 -8.83 -8.17 -0.91
CA GLU A 56 -9.67 -7.84 0.22
C GLU A 56 -9.43 -8.79 1.37
N TRP A 57 -9.63 -8.28 2.56
CA TRP A 57 -9.44 -9.05 3.76
C TRP A 57 -10.33 -10.28 3.76
N THR A 58 -9.79 -11.38 4.17
CA THR A 58 -10.54 -12.59 4.28
C THR A 58 -10.57 -13.02 5.73
N ARG A 59 -11.64 -13.65 6.14
CA ARG A 59 -11.77 -14.08 7.52
C ARG A 59 -10.94 -15.33 7.76
N ASP A 60 -10.33 -15.84 6.69
CA ASP A 60 -9.45 -16.99 6.77
C ASP A 60 -8.16 -16.62 7.47
N CYS A 61 -7.45 -15.62 6.92
CA CYS A 61 -6.20 -15.18 7.50
C CYS A 61 -6.47 -14.26 8.68
N MET A 62 -7.66 -13.69 8.72
CA MET A 62 -8.10 -12.81 9.80
C MET A 62 -7.85 -13.45 11.16
N GLY A 63 -7.09 -12.77 11.99
CA GLY A 63 -6.80 -13.27 13.31
C GLY A 63 -5.32 -13.51 13.50
N ALA A 64 -4.67 -13.99 12.46
CA ALA A 64 -3.26 -14.30 12.52
C ALA A 64 -2.48 -13.50 11.47
N HIS A 65 -3.20 -12.78 10.65
CA HIS A 65 -2.61 -12.04 9.55
C HIS A 65 -2.50 -10.55 9.89
N TRP A 66 -2.78 -10.19 11.11
CA TRP A 66 -2.69 -8.81 11.49
C TRP A 66 -1.44 -8.56 12.31
N PHE A 67 -1.56 -8.71 13.61
CA PHE A 67 -0.47 -8.41 14.52
C PHE A 67 0.67 -9.40 14.36
N GLY A 68 1.79 -8.91 13.88
CA GLY A 68 2.95 -9.74 13.70
C GLY A 68 3.89 -9.15 12.69
N GLY A 1 20.50 14.72 -25.33
CA GLY A 1 21.67 14.53 -24.46
C GLY A 1 21.26 14.18 -23.06
N SER A 2 22.24 14.08 -22.15
CA SER A 2 21.96 13.74 -20.78
C SER A 2 21.33 14.92 -20.04
N ALA A 3 20.02 14.96 -20.01
CA ALA A 3 19.30 16.03 -19.35
C ALA A 3 18.49 15.49 -18.20
N GLU A 4 19.11 15.44 -17.03
CA GLU A 4 18.43 14.97 -15.84
C GLU A 4 18.13 16.15 -14.93
N ALA A 5 16.87 16.50 -14.84
CA ALA A 5 16.44 17.63 -14.04
C ALA A 5 15.31 17.24 -13.11
N ARG A 6 14.98 15.95 -13.10
CA ARG A 6 13.91 15.45 -12.27
C ARG A 6 14.09 13.95 -12.05
N TRP A 7 13.41 13.41 -11.03
CA TRP A 7 13.50 11.99 -10.68
C TRP A 7 14.88 11.64 -10.14
N ASP A 8 15.49 12.62 -9.50
CA ASP A 8 16.81 12.45 -8.90
C ASP A 8 16.66 11.99 -7.46
N GLU A 9 15.44 11.69 -7.08
CA GLU A 9 15.14 11.25 -5.74
C GLU A 9 14.75 9.77 -5.76
N ALA A 10 14.86 9.13 -4.61
CA ALA A 10 14.49 7.74 -4.47
C ALA A 10 13.40 7.59 -3.42
N SER A 11 12.30 6.97 -3.81
CA SER A 11 11.17 6.79 -2.90
C SER A 11 11.46 5.67 -1.89
N ASN A 12 12.24 4.68 -2.30
CA ASN A 12 12.57 3.57 -1.43
C ASN A 12 13.82 2.83 -1.91
N VAL A 13 14.81 2.75 -1.03
CA VAL A 13 16.04 2.01 -1.34
C VAL A 13 16.38 1.03 -0.22
N THR A 14 15.55 0.98 0.81
CA THR A 14 15.78 0.09 1.93
C THR A 14 14.46 -0.26 2.65
N ILE A 15 13.34 -0.01 2.01
CA ILE A 15 12.02 -0.31 2.58
C ILE A 15 11.09 -0.88 1.51
N LYS A 16 9.80 -0.92 1.80
CA LYS A 16 8.83 -1.49 0.87
C LYS A 16 8.65 -0.59 -0.35
N VAL A 17 7.86 0.44 -0.17
CA VAL A 17 7.55 1.38 -1.23
C VAL A 17 6.87 2.58 -0.60
N SER A 18 6.86 3.71 -1.29
CA SER A 18 6.25 4.93 -0.75
C SER A 18 4.80 4.68 -0.35
N THR A 19 4.05 4.04 -1.23
CA THR A 19 2.65 3.74 -0.98
C THR A 19 2.26 2.46 -1.70
N LYS A 20 1.32 1.73 -1.15
CA LYS A 20 0.84 0.50 -1.76
C LYS A 20 -0.51 0.73 -2.42
N PRO A 21 -0.77 0.11 -3.56
CA PRO A 21 -2.03 0.27 -4.28
C PRO A 21 -3.20 -0.48 -3.63
N CYS A 22 -4.34 0.18 -3.56
CA CYS A 22 -5.56 -0.41 -3.03
C CYS A 22 -6.03 -1.54 -3.95
N PRO A 23 -6.60 -2.61 -3.39
CA PRO A 23 -7.08 -3.75 -4.18
C PRO A 23 -8.21 -3.35 -5.14
N LYS A 24 -8.80 -2.19 -4.91
CA LYS A 24 -9.91 -1.74 -5.73
C LYS A 24 -9.52 -0.54 -6.60
N CYS A 25 -9.41 0.62 -5.97
CA CYS A 25 -9.10 1.85 -6.71
C CYS A 25 -7.62 1.93 -7.05
N ARG A 26 -6.81 1.11 -6.37
CA ARG A 26 -5.36 1.05 -6.57
C ARG A 26 -4.69 2.38 -6.28
N THR A 27 -5.30 3.16 -5.40
CA THR A 27 -4.75 4.45 -5.03
C THR A 27 -3.58 4.26 -4.07
N PRO A 28 -2.67 5.26 -4.01
CA PRO A 28 -1.52 5.22 -3.11
C PRO A 28 -1.94 5.20 -1.65
N THR A 29 -1.92 4.02 -1.06
CA THR A 29 -2.28 3.84 0.33
C THR A 29 -1.04 3.95 1.20
N GLU A 30 -1.05 4.90 2.13
CA GLU A 30 0.06 5.10 3.04
C GLU A 30 0.24 3.87 3.92
N ARG A 31 1.45 3.63 4.33
CA ARG A 31 1.73 2.46 5.14
C ARG A 31 2.17 2.84 6.56
N ASP A 32 1.62 2.13 7.52
CA ASP A 32 1.93 2.35 8.93
C ASP A 32 2.71 1.17 9.49
N GLY A 33 3.77 1.45 10.23
CA GLY A 33 4.61 0.40 10.76
C GLY A 33 4.16 -0.12 12.11
N GLY A 34 3.04 0.38 12.61
CA GLY A 34 2.55 -0.06 13.91
C GLY A 34 1.52 -1.15 13.82
N CYS A 35 1.04 -1.39 12.62
CA CYS A 35 0.06 -2.42 12.38
C CYS A 35 0.20 -2.98 10.98
N MET A 36 -0.07 -4.26 10.82
CA MET A 36 0.04 -4.90 9.53
C MET A 36 -1.36 -5.02 8.89
N HIS A 37 -2.17 -4.03 9.17
CA HIS A 37 -3.51 -3.91 8.60
C HIS A 37 -3.59 -2.60 7.84
N MET A 38 -3.96 -2.66 6.58
CA MET A 38 -3.99 -1.46 5.76
C MET A 38 -5.40 -0.99 5.50
N VAL A 39 -5.53 0.32 5.43
CA VAL A 39 -6.81 0.95 5.20
C VAL A 39 -6.69 1.96 4.09
N CYS A 40 -7.51 1.82 3.06
CA CYS A 40 -7.50 2.78 1.99
C CYS A 40 -8.01 4.10 2.52
N THR A 41 -7.20 5.10 2.43
CA THR A 41 -7.52 6.39 2.95
C THR A 41 -8.20 7.28 1.90
N ARG A 42 -8.53 6.68 0.75
CA ARG A 42 -9.21 7.41 -0.30
C ARG A 42 -10.64 7.73 0.12
N ALA A 43 -11.04 8.98 -0.07
CA ALA A 43 -12.38 9.41 0.27
C ALA A 43 -13.39 8.67 -0.60
N GLY A 44 -14.32 7.99 0.03
CA GLY A 44 -15.31 7.25 -0.70
C GLY A 44 -14.99 5.77 -0.73
N CYS A 45 -13.70 5.44 -0.65
CA CYS A 45 -13.29 4.06 -0.67
C CYS A 45 -13.33 3.50 0.74
N GLY A 46 -12.34 3.87 1.55
CA GLY A 46 -12.26 3.40 2.93
C GLY A 46 -12.21 1.89 3.02
N PHE A 47 -11.69 1.27 1.99
CA PHE A 47 -11.63 -0.16 1.92
C PHE A 47 -10.43 -0.68 2.68
N GLU A 48 -10.65 -1.67 3.52
CA GLU A 48 -9.58 -2.23 4.32
C GLU A 48 -9.05 -3.50 3.69
N TRP A 49 -7.77 -3.74 3.84
CA TRP A 49 -7.13 -4.91 3.30
C TRP A 49 -5.90 -5.28 4.10
N CYS A 50 -5.48 -6.52 4.01
CA CYS A 50 -4.37 -6.99 4.78
C CYS A 50 -3.03 -6.62 4.13
N TRP A 51 -2.17 -5.98 4.93
CA TRP A 51 -0.86 -5.43 4.52
C TRP A 51 -0.06 -6.33 3.57
N VAL A 52 0.19 -7.57 3.97
CA VAL A 52 1.02 -8.49 3.18
C VAL A 52 0.41 -8.76 1.80
N CYS A 53 -0.90 -8.80 1.73
CA CYS A 53 -1.58 -9.07 0.49
C CYS A 53 -1.85 -7.78 -0.29
N GLN A 54 -2.49 -7.91 -1.43
CA GLN A 54 -2.91 -6.77 -2.25
C GLN A 54 -4.33 -6.97 -2.68
N THR A 55 -4.99 -7.85 -1.96
CA THR A 55 -6.36 -8.21 -2.25
C THR A 55 -7.23 -7.84 -1.03
N GLU A 56 -8.54 -7.82 -1.22
CA GLU A 56 -9.47 -7.52 -0.14
C GLU A 56 -9.22 -8.42 1.06
N TRP A 57 -9.36 -7.86 2.26
CA TRP A 57 -9.08 -8.57 3.49
C TRP A 57 -9.82 -9.90 3.54
N THR A 58 -9.07 -10.95 3.75
CA THR A 58 -9.62 -12.28 3.78
C THR A 58 -9.79 -12.73 5.22
N ARG A 59 -10.88 -13.45 5.50
CA ARG A 59 -11.13 -13.94 6.86
C ARG A 59 -10.11 -15.02 7.23
N ASP A 60 -9.51 -15.62 6.20
CA ASP A 60 -8.45 -16.61 6.40
C ASP A 60 -7.22 -15.93 7.00
N CYS A 61 -6.92 -14.73 6.49
CA CYS A 61 -5.81 -13.93 6.99
C CYS A 61 -6.10 -13.46 8.43
N MET A 62 -7.36 -13.19 8.70
CA MET A 62 -7.80 -12.73 10.02
C MET A 62 -7.32 -13.66 11.12
N GLY A 63 -6.45 -13.15 11.98
CA GLY A 63 -5.95 -13.94 13.07
C GLY A 63 -4.45 -14.15 13.00
N ALA A 64 -3.89 -14.03 11.81
CA ALA A 64 -2.47 -14.24 11.61
C ALA A 64 -1.94 -13.37 10.48
N HIS A 65 -2.50 -12.18 10.34
CA HIS A 65 -2.11 -11.32 9.23
C HIS A 65 -2.24 -9.83 9.59
N TRP A 66 -2.84 -9.53 10.72
CA TRP A 66 -3.03 -8.13 11.12
C TRP A 66 -1.75 -7.57 11.72
N PHE A 67 -0.87 -8.47 12.13
CA PHE A 67 0.44 -8.13 12.68
C PHE A 67 1.13 -9.40 13.12
N GLY A 68 0.37 -10.24 13.80
CA GLY A 68 0.87 -11.50 14.26
C GLY A 68 -0.10 -12.15 15.21
N GLY A 1 1.72 10.52 -35.20
CA GLY A 1 1.75 9.08 -34.84
C GLY A 1 2.88 8.75 -33.87
N SER A 2 3.31 9.72 -33.08
CA SER A 2 4.39 9.52 -32.15
C SER A 2 3.85 9.03 -30.81
N ALA A 3 4.11 7.77 -30.50
CA ALA A 3 3.65 7.18 -29.25
C ALA A 3 4.66 7.43 -28.14
N GLU A 4 4.20 7.99 -27.04
CA GLU A 4 5.04 8.28 -25.90
C GLU A 4 4.30 7.99 -24.60
N ALA A 5 4.81 7.06 -23.82
CA ALA A 5 4.21 6.69 -22.54
C ALA A 5 4.59 7.69 -21.46
N ARG A 6 4.35 7.32 -20.21
CA ARG A 6 4.68 8.18 -19.09
C ARG A 6 5.96 7.72 -18.42
N TRP A 7 6.82 8.66 -18.09
CA TRP A 7 8.05 8.37 -17.40
C TRP A 7 8.04 9.03 -16.02
N ASP A 8 7.52 8.31 -15.04
CA ASP A 8 7.42 8.81 -13.68
C ASP A 8 7.84 7.72 -12.70
N GLU A 9 9.11 7.71 -12.37
CA GLU A 9 9.65 6.71 -11.47
C GLU A 9 9.90 7.31 -10.10
N ALA A 10 9.11 6.90 -9.14
CA ALA A 10 9.23 7.40 -7.77
C ALA A 10 10.23 6.57 -6.98
N SER A 11 10.62 5.44 -7.53
CA SER A 11 11.54 4.55 -6.88
C SER A 11 12.98 5.03 -7.02
N ASN A 12 13.35 6.00 -6.20
CA ASN A 12 14.70 6.52 -6.20
C ASN A 12 15.59 5.67 -5.31
N VAL A 13 15.48 5.87 -4.00
CA VAL A 13 16.24 5.08 -3.05
C VAL A 13 15.29 4.44 -2.05
N THR A 14 14.78 3.27 -2.38
CA THR A 14 13.84 2.57 -1.55
C THR A 14 13.43 1.27 -2.22
N ILE A 15 12.86 0.38 -1.45
CA ILE A 15 12.37 -0.87 -1.97
C ILE A 15 10.86 -0.79 -2.19
N LYS A 16 10.22 0.13 -1.49
CA LYS A 16 8.80 0.29 -1.56
C LYS A 16 8.42 1.74 -1.32
N VAL A 17 7.52 2.25 -2.14
CA VAL A 17 7.06 3.63 -2.03
C VAL A 17 6.19 3.83 -0.78
N SER A 18 5.90 5.10 -0.48
CA SER A 18 5.13 5.47 0.71
C SER A 18 3.75 4.80 0.75
N THR A 19 3.09 4.70 -0.38
CA THR A 19 1.77 4.11 -0.43
C THR A 19 1.64 3.16 -1.61
N LYS A 20 0.87 2.09 -1.43
CA LYS A 20 0.65 1.13 -2.47
C LYS A 20 -0.72 1.35 -3.11
N PRO A 21 -0.85 1.14 -4.41
CA PRO A 21 -2.12 1.32 -5.10
C PRO A 21 -3.19 0.30 -4.68
N CYS A 22 -4.36 0.81 -4.32
CA CYS A 22 -5.50 -0.02 -3.94
C CYS A 22 -5.87 -0.98 -5.06
N PRO A 23 -6.24 -2.22 -4.72
CA PRO A 23 -6.62 -3.23 -5.70
C PRO A 23 -7.85 -2.83 -6.54
N LYS A 24 -8.53 -1.76 -6.14
CA LYS A 24 -9.71 -1.29 -6.87
C LYS A 24 -9.52 0.12 -7.40
N CYS A 25 -9.27 1.06 -6.48
CA CYS A 25 -9.15 2.47 -6.85
C CYS A 25 -7.77 2.80 -7.35
N ARG A 26 -6.78 1.98 -6.96
CA ARG A 26 -5.38 2.23 -7.28
C ARG A 26 -4.87 3.48 -6.58
N THR A 27 -5.59 3.87 -5.54
CA THR A 27 -5.26 5.03 -4.76
C THR A 27 -4.20 4.71 -3.71
N PRO A 28 -3.52 5.74 -3.18
CA PRO A 28 -2.47 5.56 -2.15
C PRO A 28 -2.98 4.86 -0.88
N THR A 29 -2.55 3.63 -0.71
CA THR A 29 -2.88 2.86 0.47
C THR A 29 -1.76 2.96 1.49
N GLU A 30 -2.11 3.30 2.73
CA GLU A 30 -1.13 3.47 3.79
C GLU A 30 -0.44 2.15 4.13
N ARG A 31 0.87 2.19 4.16
CA ARG A 31 1.68 1.03 4.47
C ARG A 31 2.00 0.98 5.97
N ASP A 32 2.76 -0.05 6.37
CA ASP A 32 3.11 -0.36 7.78
C ASP A 32 3.15 0.86 8.68
N GLY A 33 2.15 0.97 9.53
CA GLY A 33 2.05 2.06 10.47
C GLY A 33 1.06 1.75 11.57
N GLY A 34 0.75 0.48 11.75
CA GLY A 34 -0.20 0.09 12.76
C GLY A 34 -0.13 -1.40 13.10
N CYS A 35 -1.01 -2.17 12.50
CA CYS A 35 -1.11 -3.58 12.80
C CYS A 35 -0.98 -4.45 11.54
N MET A 36 -0.08 -4.06 10.62
CA MET A 36 0.14 -4.82 9.35
C MET A 36 -1.03 -4.64 8.37
N HIS A 37 -2.09 -4.02 8.84
CA HIS A 37 -3.29 -3.86 8.04
C HIS A 37 -3.15 -2.66 7.12
N MET A 38 -3.25 -2.89 5.83
CA MET A 38 -3.16 -1.82 4.86
C MET A 38 -4.52 -1.19 4.64
N VAL A 39 -4.54 0.12 4.58
CA VAL A 39 -5.78 0.85 4.47
C VAL A 39 -5.78 1.81 3.29
N CYS A 40 -6.75 1.62 2.39
CA CYS A 40 -6.94 2.56 1.32
C CYS A 40 -7.58 3.78 1.91
N THR A 41 -6.78 4.78 2.19
CA THR A 41 -7.24 5.97 2.86
C THR A 41 -8.05 6.89 1.95
N ARG A 42 -8.55 6.34 0.84
CA ARG A 42 -9.42 7.09 -0.03
C ARG A 42 -10.77 7.26 0.66
N ALA A 43 -11.24 8.49 0.76
CA ALA A 43 -12.51 8.78 1.43
C ALA A 43 -13.67 8.00 0.83
N GLY A 44 -13.60 7.78 -0.48
CA GLY A 44 -14.64 7.04 -1.15
C GLY A 44 -14.38 5.54 -1.17
N CYS A 45 -13.45 5.07 -0.35
CA CYS A 45 -13.13 3.66 -0.30
C CYS A 45 -13.12 3.15 1.13
N GLY A 46 -12.05 3.44 1.86
CA GLY A 46 -11.93 2.95 3.22
C GLY A 46 -11.75 1.44 3.25
N PHE A 47 -11.07 0.94 2.24
CA PHE A 47 -10.85 -0.49 2.10
C PHE A 47 -9.67 -0.95 2.95
N GLU A 48 -9.86 -2.04 3.66
CA GLU A 48 -8.84 -2.57 4.52
C GLU A 48 -8.42 -3.96 4.06
N TRP A 49 -7.17 -4.11 3.70
CA TRP A 49 -6.64 -5.39 3.23
C TRP A 49 -5.36 -5.76 3.96
N CYS A 50 -5.13 -7.06 4.13
CA CYS A 50 -3.95 -7.51 4.85
C CYS A 50 -2.69 -7.34 4.02
N TRP A 51 -1.57 -7.39 4.71
CA TRP A 51 -0.28 -7.17 4.10
C TRP A 51 0.18 -8.37 3.31
N VAL A 52 0.16 -9.54 3.95
CA VAL A 52 0.63 -10.76 3.32
C VAL A 52 -0.17 -11.09 2.07
N CYS A 53 -1.46 -10.85 2.12
CA CYS A 53 -2.33 -11.10 0.98
C CYS A 53 -2.50 -9.82 0.16
N GLN A 54 -3.48 -9.80 -0.70
CA GLN A 54 -3.78 -8.64 -1.52
C GLN A 54 -5.28 -8.56 -1.74
N THR A 55 -6.02 -9.27 -0.92
CA THR A 55 -7.46 -9.33 -1.02
C THR A 55 -8.08 -8.75 0.24
N GLU A 56 -9.40 -8.70 0.29
CA GLU A 56 -10.10 -8.15 1.43
C GLU A 56 -9.99 -9.07 2.63
N TRP A 57 -10.31 -8.52 3.79
CA TRP A 57 -10.26 -9.24 5.04
C TRP A 57 -11.10 -10.52 4.99
N THR A 58 -10.64 -11.53 5.70
CA THR A 58 -11.35 -12.78 5.78
C THR A 58 -11.11 -13.41 7.15
N ARG A 59 -11.87 -14.45 7.46
CA ARG A 59 -11.77 -15.11 8.76
C ARG A 59 -10.44 -15.83 8.94
N ASP A 60 -9.89 -16.34 7.84
CA ASP A 60 -8.61 -17.03 7.88
C ASP A 60 -7.48 -16.06 8.17
N CYS A 61 -7.73 -14.79 7.90
CA CYS A 61 -6.77 -13.75 8.14
C CYS A 61 -6.99 -13.10 9.50
N MET A 62 -8.19 -13.29 10.08
CA MET A 62 -8.49 -12.74 11.39
C MET A 62 -7.61 -13.36 12.45
N GLY A 63 -6.79 -12.54 13.08
CA GLY A 63 -5.88 -13.05 14.10
C GLY A 63 -4.68 -13.73 13.50
N ALA A 64 -4.54 -13.61 12.18
CA ALA A 64 -3.43 -14.22 11.49
C ALA A 64 -2.46 -13.17 10.97
N HIS A 65 -3.01 -12.09 10.42
CA HIS A 65 -2.16 -11.01 9.90
C HIS A 65 -2.15 -9.82 10.82
N TRP A 66 -3.27 -9.10 10.85
CA TRP A 66 -3.38 -7.89 11.63
C TRP A 66 -3.12 -8.10 13.11
N PHE A 67 -2.35 -7.17 13.69
CA PHE A 67 -1.99 -7.14 15.11
C PHE A 67 -0.83 -8.09 15.41
N GLY A 68 -0.61 -9.06 14.52
CA GLY A 68 0.47 -9.99 14.71
C GLY A 68 0.19 -10.99 15.81
N GLY A 1 6.49 31.28 -25.39
CA GLY A 1 6.67 29.83 -25.17
C GLY A 1 5.99 29.36 -23.91
N SER A 2 6.60 28.40 -23.23
CA SER A 2 6.04 27.89 -21.98
C SER A 2 7.14 27.39 -21.07
N ALA A 3 7.46 28.18 -20.05
CA ALA A 3 8.49 27.82 -19.09
C ALA A 3 7.93 26.85 -18.06
N GLU A 4 8.00 25.57 -18.36
CA GLU A 4 7.52 24.53 -17.48
C GLU A 4 8.16 23.21 -17.88
N ALA A 5 8.98 22.68 -16.98
CA ALA A 5 9.67 21.44 -17.23
C ALA A 5 9.86 20.67 -15.93
N ARG A 6 10.48 19.52 -16.04
CA ARG A 6 10.71 18.66 -14.89
C ARG A 6 11.94 19.12 -14.10
N TRP A 7 11.71 19.84 -13.02
CA TRP A 7 12.81 20.31 -12.19
C TRP A 7 12.67 19.84 -10.74
N ASP A 8 11.62 19.09 -10.48
CA ASP A 8 11.36 18.56 -9.14
C ASP A 8 11.76 17.10 -9.06
N GLU A 9 11.88 16.59 -7.85
CA GLU A 9 12.24 15.20 -7.64
C GLU A 9 11.93 14.78 -6.20
N ALA A 10 11.51 13.55 -6.04
CA ALA A 10 11.18 12.98 -4.76
C ALA A 10 11.61 11.53 -4.72
N SER A 11 12.76 11.28 -4.15
CA SER A 11 13.30 9.93 -4.11
C SER A 11 13.73 9.54 -2.70
N ASN A 12 12.87 8.81 -2.02
CA ASN A 12 13.19 8.32 -0.69
C ASN A 12 13.51 6.83 -0.73
N VAL A 13 14.76 6.53 -1.08
CA VAL A 13 15.21 5.16 -1.19
C VAL A 13 15.45 4.56 0.20
N THR A 14 14.50 3.76 0.63
CA THR A 14 14.56 3.10 1.92
C THR A 14 13.37 2.14 2.07
N ILE A 15 12.35 2.39 1.26
CA ILE A 15 11.17 1.54 1.21
C ILE A 15 11.01 0.99 -0.20
N LYS A 16 10.22 -0.08 -0.32
CA LYS A 16 10.00 -0.70 -1.62
C LYS A 16 9.33 0.26 -2.60
N VAL A 17 8.19 0.79 -2.20
CA VAL A 17 7.45 1.74 -3.00
C VAL A 17 6.91 2.81 -2.08
N SER A 18 6.77 4.02 -2.58
CA SER A 18 6.26 5.13 -1.78
C SER A 18 4.93 4.76 -1.13
N THR A 19 4.05 4.14 -1.90
CA THR A 19 2.75 3.71 -1.42
C THR A 19 2.35 2.40 -2.06
N LYS A 20 1.36 1.75 -1.50
CA LYS A 20 0.86 0.51 -2.04
C LYS A 20 -0.58 0.73 -2.48
N PRO A 21 -0.82 0.80 -3.80
CA PRO A 21 -2.17 1.07 -4.34
C PRO A 21 -3.21 0.06 -3.88
N CYS A 22 -4.41 0.56 -3.62
CA CYS A 22 -5.55 -0.24 -3.23
C CYS A 22 -5.89 -1.23 -4.33
N PRO A 23 -6.36 -2.43 -3.97
CA PRO A 23 -6.76 -3.45 -4.93
C PRO A 23 -7.93 -2.98 -5.82
N LYS A 24 -8.61 -1.92 -5.38
CA LYS A 24 -9.73 -1.39 -6.14
C LYS A 24 -9.42 -0.06 -6.79
N CYS A 25 -9.42 1.01 -6.00
CA CYS A 25 -9.22 2.35 -6.53
C CYS A 25 -7.77 2.58 -6.96
N ARG A 26 -6.86 1.76 -6.45
CA ARG A 26 -5.43 1.86 -6.76
C ARG A 26 -4.84 3.18 -6.31
N THR A 27 -5.43 3.76 -5.28
CA THR A 27 -4.92 4.99 -4.75
C THR A 27 -3.71 4.74 -3.86
N PRO A 28 -2.81 5.72 -3.77
CA PRO A 28 -1.61 5.61 -2.95
C PRO A 28 -1.93 5.39 -1.48
N THR A 29 -1.83 4.14 -1.05
CA THR A 29 -2.08 3.81 0.34
C THR A 29 -0.78 3.86 1.14
N GLU A 30 -0.76 4.70 2.17
CA GLU A 30 0.40 4.84 3.03
C GLU A 30 0.65 3.58 3.84
N ARG A 31 1.72 2.88 3.51
CA ARG A 31 2.11 1.71 4.28
C ARG A 31 2.79 2.17 5.56
N ASP A 32 2.14 1.95 6.67
CA ASP A 32 2.62 2.44 7.96
C ASP A 32 2.26 1.47 9.10
N GLY A 33 3.05 1.49 10.15
CA GLY A 33 2.77 0.67 11.31
C GLY A 33 3.72 -0.49 11.47
N GLY A 34 3.87 -1.26 10.42
CA GLY A 34 4.73 -2.42 10.46
C GLY A 34 3.91 -3.70 10.49
N CYS A 35 2.78 -3.63 11.19
CA CYS A 35 1.86 -4.75 11.27
C CYS A 35 1.29 -5.01 9.88
N MET A 36 0.89 -6.24 9.62
CA MET A 36 0.40 -6.61 8.29
C MET A 36 -1.03 -6.15 8.02
N HIS A 37 -1.33 -4.90 8.30
CA HIS A 37 -2.63 -4.32 8.01
C HIS A 37 -2.46 -3.04 7.20
N MET A 38 -3.12 -2.95 6.06
CA MET A 38 -3.07 -1.75 5.27
C MET A 38 -4.48 -1.23 5.05
N VAL A 39 -4.68 0.03 5.37
CA VAL A 39 -5.99 0.63 5.28
C VAL A 39 -6.08 1.61 4.13
N CYS A 40 -6.96 1.33 3.18
CA CYS A 40 -7.20 2.26 2.09
C CYS A 40 -7.80 3.51 2.68
N THR A 41 -7.02 4.55 2.73
CA THR A 41 -7.41 5.78 3.36
C THR A 41 -8.32 6.64 2.46
N ARG A 42 -8.69 6.12 1.29
CA ARG A 42 -9.58 6.86 0.41
C ARG A 42 -10.99 6.86 0.99
N ALA A 43 -11.52 8.05 1.22
CA ALA A 43 -12.87 8.22 1.76
C ALA A 43 -13.90 7.59 0.83
N GLY A 44 -13.67 7.71 -0.47
CA GLY A 44 -14.58 7.13 -1.43
C GLY A 44 -14.29 5.66 -1.71
N CYS A 45 -13.77 4.97 -0.71
CA CYS A 45 -13.47 3.55 -0.83
C CYS A 45 -13.81 2.83 0.46
N GLY A 46 -13.15 3.21 1.55
CA GLY A 46 -13.39 2.56 2.82
C GLY A 46 -13.09 1.09 2.76
N PHE A 47 -11.91 0.75 2.26
CA PHE A 47 -11.55 -0.64 2.08
C PHE A 47 -10.38 -1.03 2.97
N GLU A 48 -10.44 -2.21 3.54
CA GLU A 48 -9.36 -2.73 4.36
C GLU A 48 -8.83 -4.01 3.75
N TRP A 49 -7.53 -4.15 3.74
CA TRP A 49 -6.89 -5.33 3.22
C TRP A 49 -5.62 -5.62 4.00
N CYS A 50 -5.15 -6.84 3.94
CA CYS A 50 -3.97 -7.19 4.70
C CYS A 50 -2.69 -6.96 3.90
N TRP A 51 -1.59 -7.14 4.56
CA TRP A 51 -0.29 -6.93 3.96
C TRP A 51 0.12 -8.13 3.13
N VAL A 52 -0.16 -9.31 3.64
CA VAL A 52 0.23 -10.54 2.97
C VAL A 52 -0.67 -10.82 1.78
N CYS A 53 -1.95 -10.55 1.93
CA CYS A 53 -2.90 -10.78 0.87
C CYS A 53 -3.21 -9.48 0.14
N GLN A 54 -2.95 -9.44 -1.14
CA GLN A 54 -3.26 -8.28 -1.96
C GLN A 54 -4.74 -8.29 -2.29
N THR A 55 -5.39 -9.39 -1.96
CA THR A 55 -6.80 -9.55 -2.16
C THR A 55 -7.53 -9.09 -0.89
N GLU A 56 -8.83 -8.86 -1.01
CA GLU A 56 -9.63 -8.38 0.11
C GLU A 56 -9.52 -9.30 1.33
N TRP A 57 -9.77 -8.73 2.50
CA TRP A 57 -9.67 -9.42 3.77
C TRP A 57 -10.45 -10.74 3.77
N THR A 58 -9.90 -11.72 4.44
CA THR A 58 -10.55 -12.99 4.59
C THR A 58 -10.78 -13.23 6.08
N ARG A 59 -11.91 -13.80 6.43
CA ARG A 59 -12.23 -14.03 7.84
C ARG A 59 -11.31 -15.08 8.48
N ASP A 60 -10.66 -15.87 7.64
CA ASP A 60 -9.70 -16.86 8.11
C ASP A 60 -8.36 -16.22 8.40
N CYS A 61 -7.93 -15.30 7.53
CA CYS A 61 -6.67 -14.60 7.73
C CYS A 61 -6.87 -13.42 8.67
N MET A 62 -8.11 -13.23 9.07
CA MET A 62 -8.50 -12.20 9.99
C MET A 62 -7.90 -12.47 11.36
N GLY A 63 -7.06 -11.57 11.81
CA GLY A 63 -6.41 -11.72 13.08
C GLY A 63 -4.99 -12.22 12.93
N ALA A 64 -4.75 -12.95 11.85
CA ALA A 64 -3.43 -13.51 11.59
C ALA A 64 -2.51 -12.49 10.93
N HIS A 65 -3.09 -11.55 10.21
CA HIS A 65 -2.30 -10.52 9.54
C HIS A 65 -2.20 -9.27 10.38
N TRP A 66 -3.31 -8.59 10.58
CA TRP A 66 -3.30 -7.38 11.37
C TRP A 66 -2.90 -7.65 12.80
N PHE A 67 -1.69 -7.19 13.15
CA PHE A 67 -1.10 -7.36 14.48
C PHE A 67 -0.75 -8.82 14.74
N GLY A 68 -0.64 -9.59 13.66
CA GLY A 68 -0.29 -10.99 13.79
C GLY A 68 1.19 -11.19 13.74
N GLY A 1 23.54 25.80 -29.21
CA GLY A 1 23.63 24.38 -29.59
C GLY A 1 22.93 23.47 -28.60
N SER A 2 21.71 23.82 -28.25
CA SER A 2 20.94 23.04 -27.32
C SER A 2 19.63 22.59 -27.94
N ALA A 3 19.35 21.31 -27.84
CA ALA A 3 18.14 20.73 -28.38
C ALA A 3 17.77 19.53 -27.55
N GLU A 4 18.20 19.55 -26.29
CA GLU A 4 17.99 18.46 -25.37
C GLU A 4 16.50 18.21 -25.14
N ALA A 5 16.14 16.94 -25.03
CA ALA A 5 14.77 16.55 -24.82
C ALA A 5 14.46 16.45 -23.33
N ARG A 6 13.25 16.01 -23.02
CA ARG A 6 12.83 15.87 -21.63
C ARG A 6 13.55 14.72 -20.96
N TRP A 7 14.38 15.03 -19.98
CA TRP A 7 15.07 14.01 -19.23
C TRP A 7 14.41 13.80 -17.88
N ASP A 8 14.32 12.56 -17.45
CA ASP A 8 13.74 12.19 -16.16
C ASP A 8 13.98 10.73 -15.88
N GLU A 9 13.64 10.30 -14.69
CA GLU A 9 13.84 8.92 -14.29
C GLU A 9 12.89 8.53 -13.16
N ALA A 10 12.65 7.24 -13.03
CA ALA A 10 11.81 6.71 -11.98
C ALA A 10 12.44 5.43 -11.44
N SER A 11 13.48 5.59 -10.66
CA SER A 11 14.21 4.46 -10.13
C SER A 11 14.06 4.38 -8.60
N ASN A 12 12.90 4.81 -8.12
CA ASN A 12 12.61 4.83 -6.68
C ASN A 12 12.18 3.47 -6.17
N VAL A 13 12.19 2.47 -7.05
CA VAL A 13 11.77 1.11 -6.71
C VAL A 13 12.83 0.36 -5.87
N THR A 14 13.82 1.11 -5.41
CA THR A 14 14.89 0.56 -4.59
C THR A 14 14.37 0.23 -3.18
N ILE A 15 13.29 0.88 -2.81
CA ILE A 15 12.71 0.71 -1.50
C ILE A 15 11.20 0.50 -1.62
N LYS A 16 10.60 -0.11 -0.60
CA LYS A 16 9.16 -0.29 -0.54
C LYS A 16 8.45 1.04 -0.69
N VAL A 17 7.72 1.19 -1.78
CA VAL A 17 7.01 2.41 -2.08
C VAL A 17 6.17 2.89 -0.89
N SER A 18 6.18 4.19 -0.67
CA SER A 18 5.50 4.82 0.46
C SER A 18 3.97 4.63 0.37
N THR A 19 3.48 4.49 -0.84
CA THR A 19 2.08 4.27 -1.04
C THR A 19 1.83 3.00 -1.84
N LYS A 20 1.00 2.14 -1.32
CA LYS A 20 0.69 0.89 -1.97
C LYS A 20 -0.67 1.00 -2.65
N PRO A 21 -0.79 0.59 -3.91
CA PRO A 21 -2.04 0.67 -4.65
C PRO A 21 -3.14 -0.19 -4.04
N CYS A 22 -4.32 0.40 -3.87
CA CYS A 22 -5.46 -0.31 -3.35
C CYS A 22 -5.93 -1.35 -4.35
N PRO A 23 -6.33 -2.53 -3.88
CA PRO A 23 -6.77 -3.61 -4.75
C PRO A 23 -8.03 -3.25 -5.53
N LYS A 24 -8.70 -2.19 -5.12
CA LYS A 24 -9.95 -1.78 -5.76
C LYS A 24 -9.80 -0.51 -6.59
N CYS A 25 -9.43 0.58 -5.95
CA CYS A 25 -9.30 1.86 -6.64
C CYS A 25 -7.88 2.12 -7.12
N ARG A 26 -6.94 1.32 -6.61
CA ARG A 26 -5.52 1.45 -6.95
C ARG A 26 -4.94 2.81 -6.60
N THR A 27 -5.57 3.48 -5.66
CA THR A 27 -5.10 4.77 -5.22
C THR A 27 -3.90 4.60 -4.30
N PRO A 28 -3.07 5.65 -4.17
CA PRO A 28 -1.89 5.59 -3.32
C PRO A 28 -2.23 5.47 -1.83
N THR A 29 -2.28 4.24 -1.34
CA THR A 29 -2.56 3.99 0.05
C THR A 29 -1.30 4.12 0.87
N GLU A 30 -1.29 5.09 1.76
CA GLU A 30 -0.17 5.29 2.66
C GLU A 30 0.06 4.05 3.47
N ARG A 31 1.19 3.43 3.31
CA ARG A 31 1.47 2.24 4.05
C ARG A 31 2.05 2.56 5.42
N ASP A 32 1.16 2.69 6.38
CA ASP A 32 1.52 2.99 7.74
C ASP A 32 0.55 2.32 8.67
N GLY A 33 0.89 2.25 9.94
CA GLY A 33 0.03 1.62 10.91
C GLY A 33 0.81 0.78 11.89
N GLY A 34 2.00 0.34 11.47
CA GLY A 34 2.83 -0.48 12.33
C GLY A 34 2.40 -1.93 12.35
N CYS A 35 1.11 -2.15 12.37
CA CYS A 35 0.56 -3.48 12.37
C CYS A 35 0.28 -3.94 10.93
N MET A 36 -0.56 -4.95 10.78
CA MET A 36 -0.82 -5.55 9.47
C MET A 36 -1.96 -4.85 8.74
N HIS A 37 -2.61 -3.92 9.40
CA HIS A 37 -3.76 -3.26 8.82
C HIS A 37 -3.38 -2.04 8.00
N MET A 38 -3.59 -2.14 6.70
CA MET A 38 -3.39 -1.01 5.83
C MET A 38 -4.74 -0.57 5.31
N VAL A 39 -5.12 0.64 5.62
CA VAL A 39 -6.41 1.16 5.22
C VAL A 39 -6.26 2.16 4.11
N CYS A 40 -7.11 2.02 3.08
CA CYS A 40 -7.12 2.92 1.95
C CYS A 40 -7.44 4.33 2.42
N THR A 41 -6.75 5.29 1.87
CA THR A 41 -6.91 6.66 2.29
C THR A 41 -7.94 7.39 1.44
N ARG A 42 -8.52 6.69 0.49
CA ARG A 42 -9.50 7.29 -0.39
C ARG A 42 -10.84 7.45 0.35
N ALA A 43 -11.40 8.66 0.27
CA ALA A 43 -12.66 8.98 0.94
C ALA A 43 -13.79 8.09 0.45
N GLY A 44 -13.81 7.82 -0.85
CA GLY A 44 -14.85 6.99 -1.42
C GLY A 44 -14.47 5.52 -1.44
N CYS A 45 -13.52 5.13 -0.59
CA CYS A 45 -13.10 3.75 -0.51
C CYS A 45 -13.09 3.28 0.93
N GLY A 46 -12.07 3.72 1.67
CA GLY A 46 -11.91 3.31 3.06
C GLY A 46 -11.82 1.80 3.19
N PHE A 47 -11.13 1.18 2.25
CA PHE A 47 -11.00 -0.26 2.21
C PHE A 47 -9.94 -0.75 3.18
N GLU A 48 -10.19 -1.91 3.77
CA GLU A 48 -9.26 -2.53 4.69
C GLU A 48 -8.68 -3.78 4.08
N TRP A 49 -7.38 -3.84 3.98
CA TRP A 49 -6.71 -5.01 3.46
C TRP A 49 -5.44 -5.27 4.25
N CYS A 50 -5.09 -6.54 4.36
CA CYS A 50 -3.93 -6.92 5.13
C CYS A 50 -2.63 -6.63 4.39
N TRP A 51 -1.66 -6.19 5.15
CA TRP A 51 -0.35 -5.79 4.66
C TRP A 51 0.31 -6.84 3.75
N VAL A 52 0.34 -8.10 4.20
CA VAL A 52 1.00 -9.17 3.43
C VAL A 52 0.27 -9.49 2.12
N CYS A 53 -1.05 -9.35 2.12
CA CYS A 53 -1.83 -9.69 0.95
C CYS A 53 -2.14 -8.44 0.12
N GLN A 54 -2.90 -8.62 -0.96
CA GLN A 54 -3.29 -7.50 -1.83
C GLN A 54 -4.72 -7.66 -2.31
N THR A 55 -5.53 -8.36 -1.53
CA THR A 55 -6.91 -8.60 -1.90
C THR A 55 -7.86 -7.85 -0.95
N GLU A 56 -7.97 -8.36 0.25
CA GLU A 56 -8.79 -7.77 1.28
C GLU A 56 -8.27 -8.26 2.62
N TRP A 57 -8.98 -7.94 3.69
CA TRP A 57 -8.57 -8.40 5.01
C TRP A 57 -8.52 -9.93 5.04
N THR A 58 -9.51 -10.57 4.38
CA THR A 58 -9.57 -12.02 4.26
C THR A 58 -9.87 -12.72 5.60
N ARG A 59 -10.91 -13.55 5.60
CA ARG A 59 -11.28 -14.30 6.80
C ARG A 59 -10.20 -15.32 7.14
N ASP A 60 -9.55 -15.86 6.12
CA ASP A 60 -8.47 -16.83 6.31
C ASP A 60 -7.30 -16.18 7.02
N CYS A 61 -7.11 -14.88 6.79
CA CYS A 61 -6.05 -14.12 7.41
C CYS A 61 -6.45 -13.68 8.82
N MET A 62 -7.75 -13.68 9.07
CA MET A 62 -8.28 -13.29 10.38
C MET A 62 -7.77 -14.22 11.47
N GLY A 63 -6.95 -13.69 12.35
CA GLY A 63 -6.39 -14.48 13.42
C GLY A 63 -4.97 -14.91 13.10
N ALA A 64 -4.60 -14.82 11.84
CA ALA A 64 -3.28 -15.24 11.41
C ALA A 64 -2.64 -14.19 10.51
N HIS A 65 -2.82 -12.93 10.85
CA HIS A 65 -2.26 -11.85 10.04
C HIS A 65 -2.02 -10.60 10.88
N TRP A 66 -3.09 -9.89 11.21
CA TRP A 66 -2.98 -8.60 11.90
C TRP A 66 -2.55 -8.73 13.34
N PHE A 67 -1.66 -7.81 13.74
CA PHE A 67 -1.13 -7.74 15.09
C PHE A 67 -0.38 -9.01 15.43
N GLY A 68 0.10 -9.68 14.40
CA GLY A 68 0.82 -10.92 14.57
C GLY A 68 -0.14 -12.07 14.83
N GLY A 1 31.65 33.40 3.32
CA GLY A 1 30.26 33.01 3.00
C GLY A 1 29.90 31.67 3.59
N SER A 2 29.25 30.83 2.79
CA SER A 2 28.87 29.52 3.26
C SER A 2 29.98 28.48 3.01
N ALA A 3 30.89 28.38 3.96
CA ALA A 3 31.96 27.41 3.87
C ALA A 3 31.52 26.11 4.51
N GLU A 4 30.92 25.25 3.71
CA GLU A 4 30.40 23.99 4.20
C GLU A 4 30.47 22.91 3.14
N ALA A 5 30.96 21.75 3.54
CA ALA A 5 31.14 20.63 2.63
C ALA A 5 29.91 19.72 2.64
N ARG A 6 29.27 19.62 3.79
CA ARG A 6 28.13 18.74 3.95
C ARG A 6 26.84 19.44 3.52
N TRP A 7 26.20 18.88 2.51
CA TRP A 7 24.93 19.39 2.02
C TRP A 7 23.94 18.23 1.84
N ASP A 8 22.77 18.36 2.43
CA ASP A 8 21.77 17.32 2.36
C ASP A 8 20.36 17.88 2.48
N GLU A 9 19.48 17.39 1.64
CA GLU A 9 18.08 17.78 1.69
C GLU A 9 17.33 16.82 2.57
N ALA A 10 17.18 15.61 2.11
CA ALA A 10 16.50 14.59 2.86
C ALA A 10 16.69 13.25 2.19
N SER A 11 17.06 12.25 2.96
CA SER A 11 17.22 10.90 2.45
C SER A 11 15.88 10.37 1.96
N ASN A 12 15.82 9.94 0.71
CA ASN A 12 14.57 9.46 0.13
C ASN A 12 14.22 8.08 0.65
N VAL A 13 15.23 7.32 1.06
CA VAL A 13 14.99 6.01 1.61
C VAL A 13 14.88 6.08 3.12
N THR A 14 13.72 6.50 3.58
CA THR A 14 13.45 6.59 4.99
C THR A 14 12.06 6.03 5.30
N ILE A 15 11.28 5.85 4.24
CA ILE A 15 9.95 5.30 4.36
C ILE A 15 9.82 4.09 3.45
N LYS A 16 8.60 3.58 3.31
CA LYS A 16 8.35 2.45 2.44
C LYS A 16 8.51 2.87 0.98
N VAL A 17 8.68 1.91 0.09
CA VAL A 17 8.81 2.20 -1.32
C VAL A 17 7.48 2.70 -1.92
N SER A 18 7.24 4.00 -1.74
CA SER A 18 6.04 4.65 -2.22
C SER A 18 4.80 4.10 -1.51
N THR A 19 3.64 4.44 -2.03
CA THR A 19 2.40 3.97 -1.49
C THR A 19 2.01 2.66 -2.13
N LYS A 20 1.13 1.92 -1.51
CA LYS A 20 0.69 0.67 -2.07
C LYS A 20 -0.67 0.87 -2.71
N PRO A 21 -0.77 0.63 -4.02
CA PRO A 21 -2.03 0.81 -4.75
C PRO A 21 -3.14 -0.07 -4.20
N CYS A 22 -4.29 0.54 -3.91
CA CYS A 22 -5.45 -0.16 -3.41
C CYS A 22 -5.86 -1.22 -4.42
N PRO A 23 -6.18 -2.43 -3.96
CA PRO A 23 -6.58 -3.53 -4.83
C PRO A 23 -7.84 -3.21 -5.63
N LYS A 24 -8.53 -2.15 -5.23
CA LYS A 24 -9.77 -1.78 -5.88
C LYS A 24 -9.60 -0.55 -6.77
N CYS A 25 -9.27 0.59 -6.17
CA CYS A 25 -9.14 1.82 -6.94
C CYS A 25 -7.69 2.11 -7.35
N ARG A 26 -6.76 1.42 -6.73
CA ARG A 26 -5.32 1.58 -7.00
C ARG A 26 -4.83 2.98 -6.69
N THR A 27 -5.41 3.57 -5.67
CA THR A 27 -5.02 4.88 -5.22
C THR A 27 -3.82 4.79 -4.28
N PRO A 28 -3.09 5.90 -4.07
CA PRO A 28 -1.90 5.91 -3.20
C PRO A 28 -2.23 5.65 -1.73
N THR A 29 -2.24 4.37 -1.35
CA THR A 29 -2.51 4.01 0.02
C THR A 29 -1.26 4.17 0.88
N GLU A 30 -1.34 5.09 1.82
CA GLU A 30 -0.25 5.37 2.72
C GLU A 30 -0.12 4.24 3.73
N ARG A 31 1.08 3.97 4.16
CA ARG A 31 1.30 2.85 5.05
C ARG A 31 1.87 3.30 6.42
N ASP A 32 0.99 3.54 7.35
CA ASP A 32 1.37 4.00 8.67
C ASP A 32 0.60 3.27 9.74
N GLY A 33 1.06 3.39 10.97
CA GLY A 33 0.40 2.77 12.08
C GLY A 33 1.25 1.71 12.75
N GLY A 34 2.06 1.02 11.95
CA GLY A 34 2.90 -0.04 12.48
C GLY A 34 2.19 -1.36 12.47
N CYS A 35 0.89 -1.32 12.27
CA CYS A 35 0.06 -2.49 12.23
C CYS A 35 -0.02 -3.02 10.80
N MET A 36 -0.43 -4.25 10.66
CA MET A 36 -0.53 -4.90 9.37
C MET A 36 -1.81 -4.47 8.65
N HIS A 37 -2.73 -3.91 9.38
CA HIS A 37 -4.00 -3.51 8.81
C HIS A 37 -3.85 -2.25 7.97
N MET A 38 -3.99 -2.40 6.66
CA MET A 38 -3.88 -1.28 5.75
C MET A 38 -5.24 -0.70 5.44
N VAL A 39 -5.27 0.60 5.24
CA VAL A 39 -6.51 1.30 5.02
C VAL A 39 -6.39 2.26 3.84
N CYS A 40 -7.22 2.06 2.83
CA CYS A 40 -7.30 2.96 1.72
C CYS A 40 -8.05 4.19 2.17
N THR A 41 -7.33 5.21 2.56
CA THR A 41 -7.92 6.40 3.11
C THR A 41 -8.41 7.35 2.02
N ARG A 42 -8.67 6.82 0.84
CA ARG A 42 -9.21 7.61 -0.24
C ARG A 42 -10.66 7.95 0.05
N ALA A 43 -11.01 9.22 -0.08
CA ALA A 43 -12.37 9.69 0.18
C ALA A 43 -13.38 9.03 -0.75
N GLY A 44 -14.14 8.10 -0.20
CA GLY A 44 -15.10 7.36 -0.99
C GLY A 44 -14.82 5.88 -0.97
N CYS A 45 -13.58 5.52 -0.63
CA CYS A 45 -13.20 4.13 -0.57
C CYS A 45 -13.27 3.63 0.86
N GLY A 46 -12.22 3.89 1.63
CA GLY A 46 -12.19 3.41 3.00
C GLY A 46 -12.06 1.92 3.04
N PHE A 47 -11.32 1.41 2.09
CA PHE A 47 -11.13 -0.01 1.95
C PHE A 47 -10.06 -0.50 2.91
N GLU A 48 -10.24 -1.68 3.44
CA GLU A 48 -9.29 -2.24 4.40
C GLU A 48 -8.77 -3.58 3.91
N TRP A 49 -7.49 -3.80 4.10
CA TRP A 49 -6.85 -5.04 3.66
C TRP A 49 -5.62 -5.35 4.50
N CYS A 50 -5.22 -6.61 4.48
CA CYS A 50 -4.06 -7.02 5.25
C CYS A 50 -2.77 -6.85 4.45
N TRP A 51 -1.75 -6.33 5.13
CA TRP A 51 -0.42 -6.05 4.56
C TRP A 51 0.11 -7.17 3.64
N VAL A 52 -0.11 -8.42 4.04
CA VAL A 52 0.43 -9.55 3.29
C VAL A 52 -0.46 -9.94 2.10
N CYS A 53 -1.76 -9.67 2.21
CA CYS A 53 -2.70 -10.05 1.16
C CYS A 53 -3.27 -8.81 0.46
N GLN A 54 -2.78 -8.53 -0.74
CA GLN A 54 -3.25 -7.37 -1.49
C GLN A 54 -4.63 -7.65 -2.11
N THR A 55 -5.59 -7.86 -1.24
CA THR A 55 -6.96 -8.14 -1.60
C THR A 55 -7.86 -7.40 -0.61
N GLU A 56 -8.89 -8.05 -0.12
CA GLU A 56 -9.72 -7.45 0.91
C GLU A 56 -9.34 -8.06 2.24
N TRP A 57 -9.86 -7.49 3.33
CA TRP A 57 -9.59 -8.03 4.65
C TRP A 57 -10.00 -9.49 4.70
N THR A 58 -9.01 -10.36 4.61
CA THR A 58 -9.26 -11.76 4.54
C THR A 58 -9.61 -12.34 5.92
N ARG A 59 -10.86 -12.72 6.06
CA ARG A 59 -11.35 -13.29 7.30
C ARG A 59 -10.90 -14.75 7.44
N ASP A 60 -10.24 -15.23 6.39
CA ASP A 60 -9.72 -16.59 6.37
C ASP A 60 -8.31 -16.65 6.96
N CYS A 61 -7.62 -15.52 6.99
CA CYS A 61 -6.27 -15.48 7.53
C CYS A 61 -6.22 -14.72 8.87
N MET A 62 -7.35 -14.13 9.25
CA MET A 62 -7.44 -13.39 10.50
C MET A 62 -7.14 -14.28 11.70
N GLY A 63 -6.47 -13.72 12.69
CA GLY A 63 -6.11 -14.47 13.86
C GLY A 63 -4.68 -14.97 13.76
N ALA A 64 -4.24 -15.18 12.53
CA ALA A 64 -2.89 -15.64 12.26
C ALA A 64 -2.27 -14.78 11.16
N HIS A 65 -2.53 -13.48 11.22
CA HIS A 65 -2.04 -12.57 10.20
C HIS A 65 -1.61 -11.25 10.81
N TRP A 66 -2.61 -10.44 11.20
CA TRP A 66 -2.43 -9.04 11.64
C TRP A 66 -1.22 -8.84 12.56
N PHE A 67 -0.17 -8.25 11.97
CA PHE A 67 1.09 -7.87 12.66
C PHE A 67 1.74 -9.01 13.45
N GLY A 68 1.33 -10.23 13.17
CA GLY A 68 1.91 -11.35 13.87
C GLY A 68 0.97 -11.93 14.89
N GLY A 1 -6.96 20.73 -23.83
CA GLY A 1 -6.11 21.24 -22.75
C GLY A 1 -5.10 20.23 -22.32
N SER A 2 -4.41 20.51 -21.23
CA SER A 2 -3.41 19.61 -20.71
C SER A 2 -4.05 18.65 -19.71
N ALA A 3 -3.63 17.39 -19.75
CA ALA A 3 -4.16 16.37 -18.86
C ALA A 3 -3.18 16.06 -17.75
N GLU A 4 -2.03 16.71 -17.80
CA GLU A 4 -0.97 16.52 -16.81
C GLU A 4 -1.46 16.90 -15.43
N ALA A 5 -1.30 15.98 -14.50
CA ALA A 5 -1.70 16.20 -13.12
C ALA A 5 -0.48 16.13 -12.22
N ARG A 6 -0.70 15.96 -10.92
CA ARG A 6 0.40 15.84 -9.98
C ARG A 6 1.20 14.59 -10.33
N TRP A 7 2.51 14.74 -10.40
CA TRP A 7 3.38 13.65 -10.79
C TRP A 7 3.41 12.56 -9.73
N ASP A 8 4.03 12.85 -8.59
CA ASP A 8 4.16 11.85 -7.52
C ASP A 8 4.71 12.46 -6.25
N GLU A 9 4.80 11.66 -5.22
CA GLU A 9 5.35 12.07 -3.95
C GLU A 9 6.63 11.27 -3.66
N ALA A 10 7.66 11.97 -3.25
CA ALA A 10 8.97 11.36 -3.02
C ALA A 10 9.15 10.90 -1.58
N SER A 11 8.06 10.50 -0.95
CA SER A 11 8.10 9.98 0.41
C SER A 11 8.26 8.46 0.39
N ASN A 12 8.94 7.98 -0.65
CA ASN A 12 9.14 6.55 -0.87
C ASN A 12 10.04 5.93 0.19
N VAL A 13 9.52 4.92 0.88
CA VAL A 13 10.27 4.21 1.89
C VAL A 13 11.21 3.21 1.22
N THR A 14 12.46 3.21 1.65
CA THR A 14 13.52 2.36 1.09
C THR A 14 13.13 0.87 1.01
N ILE A 15 12.57 0.38 2.07
CA ILE A 15 12.23 -1.05 2.16
C ILE A 15 10.99 -1.42 1.33
N LYS A 16 10.20 -0.44 0.92
CA LYS A 16 8.99 -0.75 0.17
C LYS A 16 8.62 0.34 -0.80
N VAL A 17 7.89 1.34 -0.31
CA VAL A 17 7.42 2.42 -1.14
C VAL A 17 6.67 3.42 -0.26
N SER A 18 6.31 4.56 -0.81
CA SER A 18 5.55 5.54 -0.07
C SER A 18 4.14 5.01 0.22
N THR A 19 3.44 4.63 -0.83
CA THR A 19 2.09 4.14 -0.70
C THR A 19 1.85 2.92 -1.59
N LYS A 20 0.95 2.05 -1.17
CA LYS A 20 0.62 0.87 -1.95
C LYS A 20 -0.71 1.10 -2.64
N PRO A 21 -0.87 0.64 -3.88
CA PRO A 21 -2.12 0.81 -4.62
C PRO A 21 -3.23 -0.10 -4.09
N CYS A 22 -4.42 0.48 -3.90
CA CYS A 22 -5.58 -0.28 -3.48
C CYS A 22 -5.89 -1.34 -4.52
N PRO A 23 -6.29 -2.54 -4.10
CA PRO A 23 -6.60 -3.61 -5.03
C PRO A 23 -7.76 -3.25 -5.95
N LYS A 24 -8.50 -2.21 -5.58
CA LYS A 24 -9.63 -1.74 -6.36
C LYS A 24 -9.34 -0.38 -6.98
N CYS A 25 -9.16 0.62 -6.13
CA CYS A 25 -8.94 2.00 -6.57
C CYS A 25 -7.56 2.18 -7.16
N ARG A 26 -6.60 1.42 -6.62
CA ARG A 26 -5.20 1.53 -7.01
C ARG A 26 -4.63 2.90 -6.64
N THR A 27 -5.28 3.54 -5.69
CA THR A 27 -4.89 4.84 -5.18
C THR A 27 -3.78 4.68 -4.14
N PRO A 28 -3.04 5.77 -3.86
CA PRO A 28 -1.94 5.74 -2.89
C PRO A 28 -2.42 5.45 -1.45
N THR A 29 -2.29 4.20 -1.06
CA THR A 29 -2.65 3.77 0.28
C THR A 29 -1.45 3.89 1.22
N GLU A 30 -1.58 4.74 2.23
CA GLU A 30 -0.53 4.94 3.22
C GLU A 30 -0.19 3.62 3.90
N ARG A 31 0.97 3.11 3.59
CA ARG A 31 1.40 1.84 4.08
C ARG A 31 2.27 1.94 5.33
N ASP A 32 2.11 0.98 6.22
CA ASP A 32 2.92 0.84 7.42
C ASP A 32 2.83 -0.60 7.93
N GLY A 33 3.98 -1.20 8.19
CA GLY A 33 3.99 -2.58 8.61
C GLY A 33 3.99 -2.75 10.11
N GLY A 34 3.04 -2.12 10.78
CA GLY A 34 2.94 -2.26 12.22
C GLY A 34 2.08 -3.44 12.59
N CYS A 35 0.78 -3.28 12.45
CA CYS A 35 -0.16 -4.34 12.75
C CYS A 35 -0.56 -5.08 11.47
N MET A 36 0.10 -4.70 10.36
CA MET A 36 -0.11 -5.33 9.04
C MET A 36 -1.53 -5.04 8.46
N HIS A 37 -2.28 -4.20 9.14
CA HIS A 37 -3.62 -3.87 8.70
C HIS A 37 -3.58 -2.59 7.88
N MET A 38 -3.54 -2.73 6.58
CA MET A 38 -3.45 -1.59 5.70
C MET A 38 -4.82 -1.23 5.13
N VAL A 39 -5.19 0.04 5.27
CA VAL A 39 -6.50 0.50 4.83
C VAL A 39 -6.37 1.57 3.74
N CYS A 40 -7.17 1.43 2.69
CA CYS A 40 -7.21 2.43 1.63
C CYS A 40 -7.93 3.65 2.16
N THR A 41 -7.17 4.64 2.56
CA THR A 41 -7.71 5.85 3.15
C THR A 41 -8.25 6.81 2.08
N ARG A 42 -8.44 6.31 0.86
CA ARG A 42 -8.99 7.12 -0.21
C ARG A 42 -10.37 7.65 0.19
N ALA A 43 -10.61 8.92 -0.09
CA ALA A 43 -11.89 9.53 0.24
C ALA A 43 -13.01 8.89 -0.57
N GLY A 44 -13.79 8.06 0.10
CA GLY A 44 -14.87 7.39 -0.56
C GLY A 44 -14.65 5.89 -0.64
N CYS A 45 -13.51 5.44 -0.13
CA CYS A 45 -13.20 4.02 -0.16
C CYS A 45 -13.28 3.43 1.24
N GLY A 46 -12.21 3.57 2.02
CA GLY A 46 -12.19 3.01 3.35
C GLY A 46 -12.10 1.50 3.31
N PHE A 47 -11.50 0.98 2.26
CA PHE A 47 -11.36 -0.44 2.05
C PHE A 47 -10.21 -1.00 2.87
N GLU A 48 -10.47 -2.04 3.64
CA GLU A 48 -9.46 -2.66 4.46
C GLU A 48 -9.00 -3.97 3.81
N TRP A 49 -7.70 -4.15 3.74
CA TRP A 49 -7.14 -5.35 3.13
C TRP A 49 -5.89 -5.80 3.87
N CYS A 50 -5.67 -7.10 3.93
CA CYS A 50 -4.54 -7.64 4.63
C CYS A 50 -3.26 -7.55 3.80
N TRP A 51 -2.27 -6.88 4.36
CA TRP A 51 -0.97 -6.57 3.73
C TRP A 51 -0.38 -7.71 2.86
N VAL A 52 -0.16 -8.88 3.46
CA VAL A 52 0.46 -10.01 2.73
C VAL A 52 -0.35 -10.41 1.49
N CYS A 53 -1.66 -10.22 1.55
CA CYS A 53 -2.53 -10.55 0.43
C CYS A 53 -2.70 -9.32 -0.49
N GLN A 54 -3.64 -9.41 -1.39
CA GLN A 54 -3.93 -8.31 -2.30
C GLN A 54 -5.43 -8.30 -2.61
N THR A 55 -6.17 -8.93 -1.72
CA THR A 55 -7.60 -9.01 -1.84
C THR A 55 -8.27 -8.40 -0.62
N GLU A 56 -9.58 -8.51 -0.54
CA GLU A 56 -10.33 -7.99 0.58
C GLU A 56 -9.99 -8.71 1.87
N TRP A 57 -10.28 -8.06 3.01
CA TRP A 57 -10.03 -8.62 4.32
C TRP A 57 -10.51 -10.07 4.39
N THR A 58 -9.58 -10.97 4.60
CA THR A 58 -9.87 -12.36 4.63
C THR A 58 -10.17 -12.82 6.06
N ARG A 59 -11.27 -13.54 6.25
CA ARG A 59 -11.65 -14.03 7.58
C ARG A 59 -10.62 -15.05 8.06
N ASP A 60 -10.06 -15.78 7.12
CA ASP A 60 -9.00 -16.74 7.41
C ASP A 60 -7.77 -16.00 7.96
N CYS A 61 -7.56 -14.80 7.44
CA CYS A 61 -6.43 -13.98 7.83
C CYS A 61 -6.68 -13.25 9.14
N MET A 62 -7.85 -13.45 9.73
CA MET A 62 -8.18 -12.80 11.00
C MET A 62 -7.24 -13.27 12.09
N GLY A 63 -6.35 -12.38 12.50
CA GLY A 63 -5.39 -12.71 13.53
C GLY A 63 -4.14 -13.35 12.95
N ALA A 64 -4.23 -13.79 11.71
CA ALA A 64 -3.10 -14.43 11.05
C ALA A 64 -2.25 -13.38 10.35
N HIS A 65 -2.91 -12.35 9.84
CA HIS A 65 -2.23 -11.23 9.21
C HIS A 65 -2.06 -10.10 10.20
N TRP A 66 -3.16 -9.40 10.48
CA TRP A 66 -3.12 -8.27 11.37
C TRP A 66 -2.73 -8.67 12.78
N PHE A 67 -2.12 -7.71 13.48
CA PHE A 67 -1.62 -7.86 14.84
C PHE A 67 -0.29 -8.61 14.85
N GLY A 68 -0.15 -9.59 13.99
CA GLY A 68 1.09 -10.32 13.87
C GLY A 68 0.91 -11.80 14.08
N GLY A 1 1.09 16.75 -34.08
CA GLY A 1 2.15 16.54 -33.06
C GLY A 1 1.58 16.09 -31.75
N SER A 2 2.43 15.55 -30.89
CA SER A 2 2.02 15.08 -29.58
C SER A 2 3.19 15.17 -28.61
N ALA A 3 2.91 15.21 -27.33
CA ALA A 3 3.94 15.27 -26.33
C ALA A 3 4.54 13.89 -26.08
N GLU A 4 5.53 13.54 -26.89
CA GLU A 4 6.19 12.25 -26.75
C GLU A 4 7.54 12.42 -26.05
N ALA A 5 7.73 11.68 -24.98
CA ALA A 5 8.96 11.75 -24.22
C ALA A 5 9.55 10.36 -24.04
N ARG A 6 10.57 10.25 -23.22
CA ARG A 6 11.22 8.97 -22.98
C ARG A 6 10.34 8.08 -22.10
N TRP A 7 9.79 7.05 -22.69
CA TRP A 7 8.94 6.11 -21.98
C TRP A 7 9.73 5.29 -20.99
N ASP A 8 9.22 5.22 -19.77
CA ASP A 8 9.88 4.48 -18.71
C ASP A 8 9.00 3.31 -18.28
N GLU A 9 9.53 2.43 -17.46
CA GLU A 9 8.78 1.29 -16.98
C GLU A 9 7.97 1.68 -15.75
N ALA A 10 6.68 1.90 -15.95
CA ALA A 10 5.81 2.30 -14.86
C ALA A 10 4.82 1.18 -14.54
N SER A 11 4.09 1.34 -13.44
CA SER A 11 3.09 0.35 -13.00
C SER A 11 3.76 -0.96 -12.60
N ASN A 12 5.03 -0.89 -12.25
CA ASN A 12 5.79 -2.06 -11.86
C ASN A 12 6.04 -2.06 -10.37
N VAL A 13 5.06 -2.53 -9.62
CA VAL A 13 5.19 -2.58 -8.18
C VAL A 13 5.89 -3.88 -7.76
N THR A 14 7.17 -3.95 -8.06
CA THR A 14 7.97 -5.10 -7.72
C THR A 14 8.81 -4.81 -6.48
N ILE A 15 8.64 -3.61 -5.96
CA ILE A 15 9.33 -3.17 -4.79
C ILE A 15 8.34 -2.63 -3.78
N LYS A 16 8.64 -2.79 -2.51
CA LYS A 16 7.77 -2.28 -1.48
C LYS A 16 8.10 -0.84 -1.16
N VAL A 17 7.28 0.05 -1.66
CA VAL A 17 7.45 1.47 -1.45
C VAL A 17 6.60 1.96 -0.28
N SER A 18 6.64 3.26 -0.06
CA SER A 18 5.92 3.88 1.05
C SER A 18 4.41 3.87 0.82
N THR A 19 4.00 3.76 -0.43
CA THR A 19 2.59 3.75 -0.75
C THR A 19 2.21 2.57 -1.65
N LYS A 20 1.24 1.81 -1.19
CA LYS A 20 0.78 0.64 -1.93
C LYS A 20 -0.61 0.89 -2.51
N PRO A 21 -0.84 0.45 -3.76
CA PRO A 21 -2.11 0.67 -4.46
C PRO A 21 -3.27 -0.16 -3.91
N CYS A 22 -4.44 0.48 -3.79
CA CYS A 22 -5.67 -0.19 -3.35
C CYS A 22 -6.08 -1.22 -4.40
N PRO A 23 -6.65 -2.36 -3.96
CA PRO A 23 -7.09 -3.43 -4.86
C PRO A 23 -8.14 -2.96 -5.87
N LYS A 24 -8.73 -1.80 -5.62
CA LYS A 24 -9.76 -1.28 -6.50
C LYS A 24 -9.42 0.12 -7.00
N CYS A 25 -9.17 1.02 -6.06
CA CYS A 25 -8.86 2.40 -6.41
C CYS A 25 -7.46 2.52 -6.95
N ARG A 26 -6.60 1.60 -6.52
CA ARG A 26 -5.18 1.63 -6.87
C ARG A 26 -4.52 2.91 -6.40
N THR A 27 -5.13 3.50 -5.37
CA THR A 27 -4.63 4.71 -4.79
C THR A 27 -3.43 4.41 -3.90
N PRO A 28 -2.51 5.37 -3.79
CA PRO A 28 -1.31 5.24 -2.97
C PRO A 28 -1.63 5.23 -1.48
N THR A 29 -1.77 4.05 -0.92
CA THR A 29 -2.03 3.89 0.49
C THR A 29 -0.71 3.91 1.25
N GLU A 30 -0.51 4.92 2.08
CA GLU A 30 0.72 5.07 2.82
C GLU A 30 0.79 4.07 3.96
N ARG A 31 1.86 3.33 3.98
CA ARG A 31 2.08 2.31 4.99
C ARG A 31 2.61 2.90 6.29
N ASP A 32 1.99 2.53 7.40
CA ASP A 32 2.44 2.95 8.72
C ASP A 32 1.90 2.02 9.79
N GLY A 33 2.80 1.42 10.55
CA GLY A 33 2.38 0.52 11.60
C GLY A 33 2.76 -0.91 11.31
N GLY A 34 3.34 -1.58 12.30
CA GLY A 34 3.76 -2.95 12.13
C GLY A 34 2.63 -3.93 12.38
N CYS A 35 1.40 -3.47 12.20
CA CYS A 35 0.24 -4.33 12.38
C CYS A 35 0.01 -5.17 11.14
N MET A 36 0.66 -4.79 10.05
CA MET A 36 0.58 -5.51 8.78
C MET A 36 -0.87 -5.52 8.24
N HIS A 37 -1.57 -4.42 8.50
CA HIS A 37 -2.95 -4.21 8.04
C HIS A 37 -3.00 -2.89 7.26
N MET A 38 -3.71 -2.87 6.13
CA MET A 38 -3.80 -1.65 5.36
C MET A 38 -5.25 -1.24 5.13
N VAL A 39 -5.45 0.07 5.05
CA VAL A 39 -6.76 0.63 4.87
C VAL A 39 -6.73 1.71 3.80
N CYS A 40 -7.57 1.57 2.79
CA CYS A 40 -7.65 2.58 1.75
C CYS A 40 -8.37 3.80 2.32
N THR A 41 -7.62 4.84 2.55
CA THR A 41 -8.16 6.04 3.13
C THR A 41 -8.69 7.01 2.05
N ARG A 42 -8.98 6.47 0.87
CA ARG A 42 -9.53 7.26 -0.21
C ARG A 42 -10.92 7.72 0.17
N ALA A 43 -11.22 8.99 -0.08
CA ALA A 43 -12.52 9.54 0.23
C ALA A 43 -13.61 8.85 -0.58
N GLY A 44 -14.33 7.94 0.05
CA GLY A 44 -15.38 7.22 -0.63
C GLY A 44 -15.12 5.73 -0.70
N CYS A 45 -13.94 5.29 -0.24
CA CYS A 45 -13.60 3.88 -0.25
C CYS A 45 -13.63 3.31 1.16
N GLY A 46 -12.49 3.39 1.84
CA GLY A 46 -12.39 2.84 3.18
C GLY A 46 -12.25 1.35 3.17
N PHE A 47 -11.86 0.81 2.02
CA PHE A 47 -11.71 -0.63 1.87
C PHE A 47 -10.46 -1.10 2.60
N GLU A 48 -10.61 -2.12 3.39
CA GLU A 48 -9.50 -2.66 4.13
C GLU A 48 -8.95 -3.90 3.45
N TRP A 49 -7.67 -3.99 3.43
CA TRP A 49 -6.99 -5.12 2.83
C TRP A 49 -5.71 -5.38 3.58
N CYS A 50 -5.34 -6.62 3.69
CA CYS A 50 -4.17 -6.96 4.44
C CYS A 50 -2.89 -6.76 3.65
N TRP A 51 -1.84 -6.49 4.39
CA TRP A 51 -0.51 -6.16 3.88
C TRP A 51 0.06 -7.25 2.95
N VAL A 52 0.09 -8.49 3.43
CA VAL A 52 0.64 -9.62 2.64
C VAL A 52 -0.20 -9.88 1.40
N CYS A 53 -1.53 -9.83 1.56
CA CYS A 53 -2.44 -10.04 0.46
C CYS A 53 -2.68 -8.72 -0.27
N GLN A 54 -3.73 -8.67 -1.07
CA GLN A 54 -4.10 -7.43 -1.76
C GLN A 54 -5.48 -7.59 -2.39
N THR A 55 -6.26 -8.50 -1.86
CA THR A 55 -7.58 -8.76 -2.37
C THR A 55 -8.63 -8.06 -1.53
N GLU A 56 -8.80 -8.55 -0.32
CA GLU A 56 -9.76 -8.01 0.60
C GLU A 56 -9.47 -8.52 2.00
N TRP A 57 -10.00 -7.84 2.99
CA TRP A 57 -9.86 -8.32 4.35
C TRP A 57 -10.76 -9.54 4.52
N THR A 58 -10.21 -10.62 4.99
CA THR A 58 -10.97 -11.84 5.14
C THR A 58 -10.82 -12.41 6.53
N ARG A 59 -11.78 -13.22 6.93
CA ARG A 59 -11.76 -13.84 8.24
C ARG A 59 -10.62 -14.85 8.35
N ASP A 60 -10.11 -15.28 7.19
CA ASP A 60 -8.98 -16.19 7.15
C ASP A 60 -7.72 -15.51 7.63
N CYS A 61 -7.65 -14.21 7.40
CA CYS A 61 -6.48 -13.42 7.78
C CYS A 61 -6.66 -12.80 9.18
N MET A 62 -7.76 -13.10 9.83
CA MET A 62 -8.01 -12.55 11.15
C MET A 62 -7.09 -13.16 12.19
N GLY A 63 -6.21 -12.34 12.76
CA GLY A 63 -5.32 -12.79 13.80
C GLY A 63 -4.02 -13.39 13.28
N ALA A 64 -4.14 -14.30 12.33
CA ALA A 64 -2.97 -14.99 11.78
C ALA A 64 -2.30 -14.17 10.68
N HIS A 65 -2.82 -12.98 10.44
CA HIS A 65 -2.28 -12.11 9.40
C HIS A 65 -2.06 -10.72 9.97
N TRP A 66 -3.14 -10.00 10.26
CA TRP A 66 -2.99 -8.69 10.83
C TRP A 66 -2.73 -8.77 12.32
N PHE A 67 -1.88 -7.87 12.80
CA PHE A 67 -1.49 -7.78 14.21
C PHE A 67 -0.76 -9.05 14.65
N GLY A 68 -0.26 -9.79 13.68
CA GLY A 68 0.44 -11.03 13.97
C GLY A 68 1.81 -10.78 14.55
N GLY A 1 40.37 21.51 -20.98
CA GLY A 1 40.52 20.47 -19.94
C GLY A 1 39.18 19.91 -19.51
N SER A 2 38.84 18.74 -20.01
CA SER A 2 37.58 18.12 -19.69
C SER A 2 37.68 17.21 -18.47
N ALA A 3 37.23 17.71 -17.33
CA ALA A 3 37.23 16.94 -16.11
C ALA A 3 35.98 16.09 -16.03
N GLU A 4 36.06 14.89 -16.57
CA GLU A 4 34.93 13.98 -16.60
C GLU A 4 35.23 12.76 -15.73
N ALA A 5 34.19 12.16 -15.20
CA ALA A 5 34.35 10.95 -14.42
C ALA A 5 34.25 9.75 -15.33
N ARG A 6 34.56 8.60 -14.80
CA ARG A 6 34.51 7.37 -15.58
C ARG A 6 33.07 6.90 -15.74
N TRP A 7 32.32 6.97 -14.66
CA TRP A 7 30.90 6.60 -14.66
C TRP A 7 30.19 7.23 -13.47
N ASP A 8 28.88 7.20 -13.48
CA ASP A 8 28.13 7.74 -12.36
C ASP A 8 26.90 6.88 -12.06
N GLU A 9 27.04 6.05 -11.06
CA GLU A 9 25.96 5.19 -10.61
C GLU A 9 26.29 4.61 -9.25
N ALA A 10 25.36 4.72 -8.32
CA ALA A 10 25.54 4.21 -6.97
C ALA A 10 24.20 4.12 -6.26
N SER A 11 23.14 3.93 -7.03
CA SER A 11 21.80 3.87 -6.48
C SER A 11 21.49 2.47 -5.92
N ASN A 12 21.01 2.44 -4.70
CA ASN A 12 20.63 1.19 -4.06
C ASN A 12 19.22 1.29 -3.52
N VAL A 13 18.36 0.36 -3.93
CA VAL A 13 16.97 0.37 -3.51
C VAL A 13 16.82 -0.41 -2.20
N THR A 14 16.79 0.31 -1.11
CA THR A 14 16.66 -0.30 0.20
C THR A 14 15.29 -0.01 0.82
N ILE A 15 14.63 1.00 0.30
CA ILE A 15 13.32 1.38 0.82
C ILE A 15 12.23 1.14 -0.22
N LYS A 16 11.20 0.40 0.18
CA LYS A 16 10.07 0.13 -0.70
C LYS A 16 9.22 1.38 -0.80
N VAL A 17 8.32 1.42 -1.76
CA VAL A 17 7.43 2.55 -1.91
C VAL A 17 6.56 2.69 -0.66
N SER A 18 6.53 3.89 -0.10
CA SER A 18 5.78 4.18 1.11
C SER A 18 4.27 4.13 0.87
N THR A 19 3.89 4.01 -0.39
CA THR A 19 2.51 3.93 -0.75
C THR A 19 2.25 2.75 -1.67
N LYS A 20 1.31 1.91 -1.30
CA LYS A 20 0.93 0.77 -2.08
C LYS A 20 -0.47 0.99 -2.68
N PRO A 21 -0.71 0.52 -3.91
CA PRO A 21 -2.01 0.72 -4.57
C PRO A 21 -3.12 -0.17 -4.00
N CYS A 22 -4.27 0.45 -3.76
CA CYS A 22 -5.45 -0.25 -3.28
C CYS A 22 -5.87 -1.31 -4.29
N PRO A 23 -6.42 -2.44 -3.83
CA PRO A 23 -6.87 -3.50 -4.71
C PRO A 23 -8.03 -3.04 -5.61
N LYS A 24 -8.66 -1.93 -5.24
CA LYS A 24 -9.81 -1.43 -6.00
C LYS A 24 -9.49 -0.12 -6.72
N CYS A 25 -9.44 0.98 -5.97
CA CYS A 25 -9.18 2.29 -6.56
C CYS A 25 -7.73 2.48 -6.95
N ARG A 26 -6.87 1.60 -6.41
CA ARG A 26 -5.44 1.63 -6.70
C ARG A 26 -4.78 2.93 -6.27
N THR A 27 -5.39 3.62 -5.34
CA THR A 27 -4.84 4.85 -4.82
C THR A 27 -3.62 4.56 -3.95
N PRO A 28 -2.71 5.53 -3.81
CA PRO A 28 -1.51 5.35 -3.00
C PRO A 28 -1.83 5.26 -1.51
N THR A 29 -1.94 4.05 -1.02
CA THR A 29 -2.21 3.83 0.37
C THR A 29 -0.92 3.89 1.18
N GLU A 30 -0.84 4.86 2.08
CA GLU A 30 0.34 5.02 2.90
C GLU A 30 0.51 3.85 3.84
N ARG A 31 1.68 3.26 3.80
CA ARG A 31 1.97 2.08 4.60
C ARG A 31 2.59 2.46 5.94
N ASP A 32 2.38 1.63 6.92
CA ASP A 32 2.95 1.82 8.24
C ASP A 32 4.01 0.76 8.50
N GLY A 33 4.82 0.96 9.52
CA GLY A 33 5.85 0.02 9.84
C GLY A 33 5.62 -0.65 11.17
N GLY A 34 4.39 -1.09 11.40
CA GLY A 34 4.08 -1.76 12.63
C GLY A 34 3.12 -2.90 12.47
N CYS A 35 2.08 -2.69 11.67
CA CYS A 35 1.06 -3.69 11.49
C CYS A 35 1.12 -4.34 10.11
N MET A 36 0.19 -5.25 9.87
CA MET A 36 0.09 -6.00 8.62
C MET A 36 -1.33 -5.81 8.05
N HIS A 37 -1.93 -4.69 8.38
CA HIS A 37 -3.26 -4.37 7.91
C HIS A 37 -3.24 -3.02 7.23
N MET A 38 -3.79 -2.95 6.04
CA MET A 38 -3.83 -1.72 5.31
C MET A 38 -5.23 -1.19 5.19
N VAL A 39 -5.35 0.12 5.29
CA VAL A 39 -6.63 0.77 5.24
C VAL A 39 -6.63 1.81 4.13
N CYS A 40 -7.50 1.63 3.15
CA CYS A 40 -7.60 2.60 2.09
C CYS A 40 -8.14 3.89 2.65
N THR A 41 -7.36 4.91 2.55
CA THR A 41 -7.71 6.19 3.09
C THR A 41 -8.27 7.11 1.99
N ARG A 42 -8.60 6.54 0.83
CA ARG A 42 -9.20 7.32 -0.23
C ARG A 42 -10.62 7.70 0.16
N ALA A 43 -10.94 8.98 0.01
CA ALA A 43 -12.27 9.45 0.33
C ALA A 43 -13.29 8.84 -0.63
N GLY A 44 -14.05 7.88 -0.13
CA GLY A 44 -15.03 7.21 -0.95
C GLY A 44 -14.85 5.72 -1.00
N CYS A 45 -13.62 5.28 -0.74
CA CYS A 45 -13.32 3.85 -0.76
C CYS A 45 -13.49 3.26 0.64
N GLY A 46 -12.50 3.47 1.49
CA GLY A 46 -12.55 2.97 2.84
C GLY A 46 -12.48 1.47 2.89
N PHE A 47 -11.73 0.90 1.97
CA PHE A 47 -11.61 -0.54 1.87
C PHE A 47 -10.39 -1.02 2.65
N GLU A 48 -10.60 -2.01 3.52
CA GLU A 48 -9.52 -2.57 4.30
C GLU A 48 -9.08 -3.90 3.72
N TRP A 49 -7.81 -4.19 3.88
CA TRP A 49 -7.23 -5.42 3.37
C TRP A 49 -5.96 -5.77 4.10
N CYS A 50 -5.69 -7.06 4.28
CA CYS A 50 -4.48 -7.49 4.95
C CYS A 50 -3.28 -7.27 4.02
N TRP A 51 -2.19 -6.80 4.59
CA TRP A 51 -0.96 -6.46 3.86
C TRP A 51 -0.55 -7.57 2.88
N VAL A 52 -0.64 -8.81 3.32
CA VAL A 52 -0.23 -9.93 2.50
C VAL A 52 -1.26 -10.26 1.40
N CYS A 53 -2.54 -10.10 1.69
CA CYS A 53 -3.58 -10.45 0.72
C CYS A 53 -4.25 -9.20 0.16
N GLN A 54 -3.85 -8.83 -1.04
CA GLN A 54 -4.39 -7.64 -1.72
C GLN A 54 -5.77 -7.92 -2.33
N THR A 55 -6.64 -8.51 -1.55
CA THR A 55 -7.98 -8.81 -2.01
C THR A 55 -9.01 -8.10 -1.14
N GLU A 56 -9.00 -8.43 0.12
CA GLU A 56 -9.89 -7.84 1.09
C GLU A 56 -9.41 -8.18 2.48
N TRP A 57 -10.02 -7.57 3.49
CA TRP A 57 -9.70 -7.90 4.87
C TRP A 57 -10.24 -9.31 5.14
N THR A 58 -9.42 -10.28 4.83
CA THR A 58 -9.82 -11.67 4.93
C THR A 58 -10.02 -12.08 6.37
N ARG A 59 -11.24 -12.49 6.70
CA ARG A 59 -11.57 -12.91 8.05
C ARG A 59 -10.96 -14.28 8.34
N ASP A 60 -10.59 -14.98 7.28
CA ASP A 60 -9.88 -16.24 7.43
C ASP A 60 -8.44 -15.95 7.85
N CYS A 61 -8.00 -14.72 7.52
CA CYS A 61 -6.68 -14.25 7.89
C CYS A 61 -6.74 -13.50 9.22
N MET A 62 -7.88 -13.57 9.88
CA MET A 62 -8.08 -12.90 11.15
C MET A 62 -7.13 -13.45 12.19
N GLY A 63 -6.12 -12.68 12.53
CA GLY A 63 -5.13 -13.12 13.47
C GLY A 63 -3.84 -13.53 12.78
N ALA A 64 -3.97 -13.91 11.50
CA ALA A 64 -2.82 -14.30 10.71
C ALA A 64 -2.02 -13.09 10.32
N HIS A 65 -2.69 -12.05 9.86
CA HIS A 65 -2.01 -10.81 9.52
C HIS A 65 -2.30 -9.76 10.59
N TRP A 66 -3.12 -8.75 10.21
CA TRP A 66 -3.54 -7.67 11.11
C TRP A 66 -2.35 -6.84 11.62
N PHE A 67 -1.59 -7.40 12.54
CA PHE A 67 -0.42 -6.74 13.07
C PHE A 67 0.83 -7.35 12.47
N GLY A 68 0.77 -8.64 12.17
CA GLY A 68 1.89 -9.32 11.58
C GLY A 68 1.81 -10.80 11.79
N GLY A 1 4.95 16.45 -26.47
CA GLY A 1 4.93 15.98 -25.08
C GLY A 1 3.53 15.90 -24.52
N SER A 2 2.81 14.87 -24.87
CA SER A 2 1.46 14.68 -24.41
C SER A 2 1.40 13.68 -23.26
N ALA A 3 0.89 14.15 -22.11
CA ALA A 3 0.73 13.32 -20.91
C ALA A 3 2.07 12.87 -20.34
N GLU A 4 3.10 13.67 -20.59
CA GLU A 4 4.43 13.35 -20.10
C GLU A 4 4.80 14.23 -18.93
N ALA A 5 5.28 13.60 -17.86
CA ALA A 5 5.68 14.33 -16.66
C ALA A 5 7.16 14.65 -16.70
N ARG A 6 7.69 15.16 -15.60
CA ARG A 6 9.10 15.47 -15.52
C ARG A 6 9.88 14.20 -15.22
N TRP A 7 9.54 13.57 -14.11
CA TRP A 7 10.19 12.36 -13.68
C TRP A 7 9.32 11.69 -12.61
N ASP A 8 9.73 10.53 -12.14
CA ASP A 8 8.98 9.82 -11.13
C ASP A 8 9.20 10.47 -9.77
N GLU A 9 8.66 9.88 -8.72
CA GLU A 9 8.79 10.43 -7.40
C GLU A 9 10.12 10.05 -6.78
N ALA A 10 10.74 11.00 -6.10
CA ALA A 10 12.03 10.76 -5.46
C ALA A 10 11.84 10.13 -4.09
N SER A 11 11.48 8.86 -4.07
CA SER A 11 11.29 8.13 -2.84
C SER A 11 12.54 7.34 -2.52
N ASN A 12 12.81 7.15 -1.23
CA ASN A 12 13.99 6.39 -0.81
C ASN A 12 13.88 4.94 -1.27
N VAL A 13 12.69 4.35 -1.09
CA VAL A 13 12.37 2.96 -1.48
C VAL A 13 13.48 1.96 -1.07
N THR A 14 14.17 2.26 0.02
CA THR A 14 15.24 1.40 0.50
C THR A 14 14.71 0.41 1.54
N ILE A 15 13.40 0.46 1.79
CA ILE A 15 12.77 -0.43 2.74
C ILE A 15 11.35 -0.80 2.29
N LYS A 16 10.59 0.21 1.89
CA LYS A 16 9.22 0.03 1.44
C LYS A 16 8.76 1.33 0.78
N VAL A 17 7.78 1.24 -0.10
CA VAL A 17 7.23 2.43 -0.70
C VAL A 17 6.21 3.07 0.23
N SER A 18 6.15 4.38 0.25
CA SER A 18 5.25 5.12 1.12
C SER A 18 3.79 4.86 0.80
N THR A 19 3.49 4.61 -0.46
CA THR A 19 2.13 4.39 -0.88
C THR A 19 1.96 3.04 -1.57
N LYS A 20 1.00 2.28 -1.09
CA LYS A 20 0.71 0.97 -1.66
C LYS A 20 -0.64 1.05 -2.39
N PRO A 21 -0.78 0.35 -3.52
CA PRO A 21 -2.03 0.36 -4.28
C PRO A 21 -3.13 -0.45 -3.61
N CYS A 22 -4.31 0.14 -3.51
CA CYS A 22 -5.48 -0.52 -2.96
C CYS A 22 -5.91 -1.65 -3.90
N PRO A 23 -6.41 -2.76 -3.36
CA PRO A 23 -6.82 -3.89 -4.18
C PRO A 23 -8.12 -3.61 -4.91
N LYS A 24 -8.73 -2.48 -4.60
CA LYS A 24 -9.99 -2.10 -5.17
C LYS A 24 -9.81 -0.96 -6.16
N CYS A 25 -9.34 0.18 -5.66
CA CYS A 25 -9.18 1.36 -6.49
C CYS A 25 -7.74 1.54 -6.98
N ARG A 26 -6.81 0.85 -6.34
CA ARG A 26 -5.39 0.91 -6.70
C ARG A 26 -4.82 2.32 -6.55
N THR A 27 -5.43 3.12 -5.70
CA THR A 27 -4.95 4.45 -5.44
C THR A 27 -3.77 4.41 -4.47
N PRO A 28 -2.94 5.46 -4.46
CA PRO A 28 -1.78 5.51 -3.57
C PRO A 28 -2.17 5.59 -2.09
N THR A 29 -2.30 4.44 -1.47
CA THR A 29 -2.64 4.36 -0.07
C THR A 29 -1.40 4.57 0.77
N GLU A 30 -1.38 5.66 1.52
CA GLU A 30 -0.27 5.94 2.41
C GLU A 30 -0.24 4.93 3.53
N ARG A 31 0.84 4.18 3.60
CA ARG A 31 0.98 3.19 4.64
C ARG A 31 1.12 3.87 5.99
N ASP A 32 0.29 3.48 6.91
CA ASP A 32 0.30 4.05 8.24
C ASP A 32 0.09 2.96 9.26
N GLY A 33 0.64 3.16 10.44
CA GLY A 33 0.52 2.19 11.49
C GLY A 33 1.66 1.19 11.45
N GLY A 34 1.93 0.57 12.58
CA GLY A 34 3.00 -0.40 12.64
C GLY A 34 2.46 -1.80 12.47
N CYS A 35 1.15 -1.91 12.41
CA CYS A 35 0.48 -3.17 12.28
C CYS A 35 0.55 -3.70 10.85
N MET A 36 0.09 -4.93 10.67
CA MET A 36 0.09 -5.58 9.37
C MET A 36 -1.29 -5.39 8.71
N HIS A 37 -2.07 -4.50 9.29
CA HIS A 37 -3.37 -4.14 8.76
C HIS A 37 -3.30 -2.76 8.11
N MET A 38 -3.50 -2.72 6.80
CA MET A 38 -3.46 -1.46 6.08
C MET A 38 -4.86 -1.02 5.73
N VAL A 39 -5.07 0.28 5.70
CA VAL A 39 -6.37 0.83 5.39
C VAL A 39 -6.29 1.81 4.24
N CYS A 40 -7.15 1.61 3.25
CA CYS A 40 -7.23 2.52 2.13
C CYS A 40 -7.71 3.86 2.63
N THR A 41 -6.90 4.85 2.44
CA THR A 41 -7.20 6.18 2.91
C THR A 41 -7.86 7.01 1.80
N ARG A 42 -8.27 6.36 0.73
CA ARG A 42 -8.94 7.03 -0.35
C ARG A 42 -10.35 7.40 0.09
N ALA A 43 -10.70 8.66 -0.04
CA ALA A 43 -12.02 9.12 0.31
C ALA A 43 -13.05 8.44 -0.57
N GLY A 44 -14.01 7.81 0.05
CA GLY A 44 -15.04 7.10 -0.70
C GLY A 44 -14.78 5.61 -0.75
N CYS A 45 -13.55 5.21 -0.44
CA CYS A 45 -13.19 3.81 -0.44
C CYS A 45 -13.19 3.29 1.00
N GLY A 46 -12.17 3.70 1.75
CA GLY A 46 -12.04 3.29 3.14
C GLY A 46 -12.03 1.79 3.30
N PHE A 47 -11.38 1.10 2.39
CA PHE A 47 -11.33 -0.34 2.42
C PHE A 47 -10.17 -0.82 3.29
N GLU A 48 -10.37 -1.95 3.94
CA GLU A 48 -9.36 -2.53 4.80
C GLU A 48 -8.81 -3.82 4.20
N TRP A 49 -7.50 -4.00 4.26
CA TRP A 49 -6.85 -5.18 3.70
C TRP A 49 -5.56 -5.51 4.44
N CYS A 50 -5.09 -6.75 4.28
CA CYS A 50 -3.89 -7.19 4.98
C CYS A 50 -2.61 -6.86 4.21
N TRP A 51 -1.59 -6.50 4.95
CA TRP A 51 -0.31 -6.05 4.43
C TRP A 51 0.36 -7.12 3.54
N VAL A 52 0.44 -8.34 4.03
CA VAL A 52 1.14 -9.42 3.32
C VAL A 52 0.50 -9.73 1.98
N CYS A 53 -0.78 -10.05 2.02
CA CYS A 53 -1.50 -10.43 0.83
C CYS A 53 -1.61 -9.29 -0.17
N GLN A 54 -1.69 -8.05 0.34
CA GLN A 54 -1.82 -6.85 -0.50
C GLN A 54 -3.11 -6.91 -1.31
N THR A 55 -4.06 -7.64 -0.78
CA THR A 55 -5.35 -7.82 -1.41
C THR A 55 -6.39 -7.95 -0.33
N GLU A 56 -7.67 -7.84 -0.70
CA GLU A 56 -8.75 -7.95 0.27
C GLU A 56 -8.63 -9.25 1.05
N TRP A 57 -9.08 -9.22 2.28
CA TRP A 57 -9.01 -10.37 3.15
C TRP A 57 -9.77 -11.56 2.57
N THR A 58 -9.22 -12.73 2.75
CA THR A 58 -9.90 -13.93 2.36
C THR A 58 -10.63 -14.50 3.57
N ARG A 59 -10.58 -13.73 4.67
CA ARG A 59 -11.20 -14.07 5.95
C ARG A 59 -10.49 -15.22 6.65
N ASP A 60 -9.94 -16.14 5.88
CA ASP A 60 -9.14 -17.22 6.43
C ASP A 60 -7.84 -16.65 7.01
N CYS A 61 -7.38 -15.55 6.42
CA CYS A 61 -6.18 -14.87 6.90
C CYS A 61 -6.55 -13.73 7.84
N MET A 62 -7.85 -13.59 8.08
CA MET A 62 -8.35 -12.55 8.97
C MET A 62 -8.02 -12.90 10.41
N GLY A 63 -7.04 -12.23 10.95
CA GLY A 63 -6.58 -12.52 12.28
C GLY A 63 -5.21 -13.15 12.25
N ALA A 64 -4.76 -13.48 11.05
CA ALA A 64 -3.45 -14.09 10.86
C ALA A 64 -2.45 -13.09 10.30
N HIS A 65 -2.88 -11.84 10.16
CA HIS A 65 -2.01 -10.77 9.67
C HIS A 65 -2.05 -9.57 10.58
N TRP A 66 -3.25 -8.96 10.69
CA TRP A 66 -3.53 -7.69 11.42
C TRP A 66 -2.39 -7.26 12.34
N PHE A 67 -2.14 -8.04 13.37
CA PHE A 67 -1.04 -7.75 14.26
C PHE A 67 -0.44 -9.05 14.79
N GLY A 68 0.51 -9.57 14.07
CA GLY A 68 1.16 -10.79 14.47
C GLY A 68 2.39 -10.51 15.30
N GLY A 1 18.62 5.20 -28.00
CA GLY A 1 17.34 4.78 -28.61
C GLY A 1 16.97 3.36 -28.24
N SER A 2 17.44 2.40 -29.02
CA SER A 2 17.16 1.00 -28.77
C SER A 2 18.33 0.34 -28.04
N ALA A 3 19.53 0.93 -28.18
CA ALA A 3 20.75 0.44 -27.53
C ALA A 3 21.10 -0.97 -27.99
N GLU A 4 20.54 -1.38 -29.14
CA GLU A 4 20.76 -2.70 -29.70
C GLU A 4 20.28 -3.78 -28.72
N ALA A 5 19.26 -3.44 -27.95
CA ALA A 5 18.70 -4.37 -26.99
C ALA A 5 17.25 -4.66 -27.28
N ARG A 6 16.65 -5.49 -26.47
CA ARG A 6 15.26 -5.88 -26.64
C ARG A 6 14.32 -4.87 -25.98
N TRP A 7 14.52 -4.63 -24.70
CA TRP A 7 13.66 -3.69 -23.99
C TRP A 7 14.47 -2.54 -23.39
N ASP A 8 15.67 -2.86 -22.88
CA ASP A 8 16.58 -1.87 -22.25
C ASP A 8 15.86 -1.01 -21.22
N GLU A 9 15.91 -1.44 -19.98
CA GLU A 9 15.28 -0.71 -18.89
C GLU A 9 16.07 -0.89 -17.60
N ALA A 10 16.07 0.13 -16.77
CA ALA A 10 16.82 0.10 -15.53
C ALA A 10 15.89 0.35 -14.34
N SER A 11 15.31 -0.72 -13.83
CA SER A 11 14.44 -0.63 -12.67
C SER A 11 14.57 -1.91 -11.84
N ASN A 12 15.16 -1.78 -10.68
CA ASN A 12 15.34 -2.92 -9.79
C ASN A 12 14.27 -2.93 -8.72
N VAL A 13 13.25 -3.75 -8.91
CA VAL A 13 12.18 -3.86 -7.95
C VAL A 13 12.56 -4.86 -6.85
N THR A 14 13.36 -4.40 -5.91
CA THR A 14 13.80 -5.23 -4.81
C THR A 14 13.50 -4.53 -3.49
N ILE A 15 12.93 -3.35 -3.58
CA ILE A 15 12.60 -2.56 -2.41
C ILE A 15 11.13 -2.16 -2.44
N LYS A 16 10.50 -2.15 -1.28
CA LYS A 16 9.11 -1.78 -1.16
C LYS A 16 8.98 -0.30 -0.84
N VAL A 17 8.22 0.42 -1.65
CA VAL A 17 8.01 1.85 -1.45
C VAL A 17 7.05 2.09 -0.30
N SER A 18 6.63 3.32 -0.12
CA SER A 18 5.74 3.65 0.96
C SER A 18 4.29 3.26 0.67
N THR A 19 3.70 3.85 -0.34
CA THR A 19 2.30 3.62 -0.62
C THR A 19 2.08 2.39 -1.49
N LYS A 20 1.09 1.60 -1.11
CA LYS A 20 0.71 0.41 -1.87
C LYS A 20 -0.59 0.68 -2.60
N PRO A 21 -0.78 0.12 -3.80
CA PRO A 21 -2.02 0.30 -4.54
C PRO A 21 -3.18 -0.48 -3.92
N CYS A 22 -4.29 0.21 -3.67
CA CYS A 22 -5.49 -0.40 -3.10
C CYS A 22 -5.95 -1.55 -3.98
N PRO A 23 -6.50 -2.61 -3.36
CA PRO A 23 -6.98 -3.78 -4.10
C PRO A 23 -8.17 -3.45 -5.01
N LYS A 24 -8.73 -2.25 -4.85
CA LYS A 24 -9.89 -1.85 -5.66
C LYS A 24 -9.56 -0.66 -6.56
N CYS A 25 -9.35 0.51 -5.96
CA CYS A 25 -9.07 1.72 -6.73
C CYS A 25 -7.63 1.75 -7.20
N ARG A 26 -6.77 1.07 -6.46
CA ARG A 26 -5.35 0.99 -6.76
C ARG A 26 -4.64 2.32 -6.51
N THR A 27 -5.25 3.18 -5.71
CA THR A 27 -4.64 4.45 -5.35
C THR A 27 -3.51 4.22 -4.34
N PRO A 28 -2.59 5.20 -4.20
CA PRO A 28 -1.47 5.07 -3.27
C PRO A 28 -1.93 5.06 -1.81
N THR A 29 -2.12 3.87 -1.29
CA THR A 29 -2.55 3.68 0.09
C THR A 29 -1.36 3.84 1.02
N GLU A 30 -1.50 4.76 1.98
CA GLU A 30 -0.45 5.03 2.93
C GLU A 30 -0.17 3.83 3.81
N ARG A 31 1.05 3.71 4.26
CA ARG A 31 1.47 2.60 5.08
C ARG A 31 1.59 2.99 6.54
N ASP A 32 1.19 2.10 7.42
CA ASP A 32 1.26 2.34 8.84
C ASP A 32 1.66 1.06 9.55
N GLY A 33 2.65 1.15 10.42
CA GLY A 33 3.12 -0.02 11.15
C GLY A 33 2.24 -0.32 12.35
N GLY A 34 0.96 -0.49 12.11
CA GLY A 34 0.03 -0.77 13.17
C GLY A 34 -0.66 -2.10 12.99
N CYS A 35 -0.16 -3.12 13.68
CA CYS A 35 -0.72 -4.47 13.63
C CYS A 35 -0.58 -5.10 12.24
N MET A 36 0.18 -4.44 11.37
CA MET A 36 0.37 -4.89 10.00
C MET A 36 -0.98 -4.87 9.24
N HIS A 37 -1.83 -3.92 9.60
CA HIS A 37 -3.11 -3.72 8.95
C HIS A 37 -3.05 -2.43 8.12
N MET A 38 -3.60 -2.47 6.91
CA MET A 38 -3.59 -1.31 6.03
C MET A 38 -4.99 -0.80 5.75
N VAL A 39 -5.12 0.51 5.64
CA VAL A 39 -6.42 1.14 5.43
C VAL A 39 -6.38 2.08 4.24
N CYS A 40 -7.29 1.89 3.29
CA CYS A 40 -7.40 2.78 2.16
C CYS A 40 -8.03 4.08 2.63
N THR A 41 -7.21 5.10 2.73
CA THR A 41 -7.64 6.39 3.20
C THR A 41 -8.22 7.23 2.06
N ARG A 42 -8.52 6.58 0.95
CA ARG A 42 -9.09 7.25 -0.20
C ARG A 42 -10.55 7.59 0.08
N ALA A 43 -10.96 8.80 -0.28
CA ALA A 43 -12.33 9.22 -0.10
C ALA A 43 -13.23 8.44 -1.04
N GLY A 44 -14.17 7.72 -0.48
CA GLY A 44 -15.06 6.91 -1.27
C GLY A 44 -14.82 5.44 -1.04
N CYS A 45 -13.56 5.08 -0.79
CA CYS A 45 -13.18 3.71 -0.52
C CYS A 45 -13.45 3.36 0.94
N GLY A 46 -12.58 3.86 1.83
CA GLY A 46 -12.69 3.54 3.24
C GLY A 46 -12.64 2.04 3.44
N PHE A 47 -11.74 1.42 2.71
CA PHE A 47 -11.64 -0.02 2.69
C PHE A 47 -10.40 -0.47 3.43
N GLU A 48 -10.49 -1.57 4.13
CA GLU A 48 -9.38 -2.10 4.87
C GLU A 48 -8.91 -3.41 4.27
N TRP A 49 -7.62 -3.65 4.37
CA TRP A 49 -7.03 -4.87 3.85
C TRP A 49 -5.74 -5.20 4.58
N CYS A 50 -5.26 -6.41 4.42
CA CYS A 50 -4.07 -6.84 5.12
C CYS A 50 -2.80 -6.43 4.38
N TRP A 51 -1.83 -6.01 5.17
CA TRP A 51 -0.53 -5.53 4.67
C TRP A 51 0.18 -6.59 3.82
N VAL A 52 0.10 -7.84 4.25
CA VAL A 52 0.79 -8.93 3.58
C VAL A 52 0.21 -9.19 2.19
N CYS A 53 -1.10 -9.32 2.12
CA CYS A 53 -1.77 -9.58 0.87
C CYS A 53 -1.90 -8.30 0.04
N GLN A 54 -2.49 -8.42 -1.11
CA GLN A 54 -2.71 -7.27 -1.99
C GLN A 54 -4.17 -7.21 -2.38
N THR A 55 -4.95 -8.09 -1.77
CA THR A 55 -6.36 -8.17 -2.00
C THR A 55 -7.11 -7.66 -0.78
N GLU A 56 -8.40 -7.93 -0.71
CA GLU A 56 -9.18 -7.52 0.42
C GLU A 56 -8.99 -8.50 1.58
N TRP A 57 -9.34 -8.06 2.77
CA TRP A 57 -9.21 -8.89 3.95
C TRP A 57 -10.23 -10.01 3.89
N THR A 58 -9.88 -11.17 4.42
CA THR A 58 -10.77 -12.30 4.40
C THR A 58 -10.86 -12.92 5.79
N ARG A 59 -11.75 -13.87 5.94
CA ARG A 59 -11.88 -14.58 7.19
C ARG A 59 -10.92 -15.76 7.21
N ASP A 60 -10.20 -15.93 6.10
CA ASP A 60 -9.20 -16.97 5.98
C ASP A 60 -7.88 -16.48 6.53
N CYS A 61 -7.44 -15.32 6.06
CA CYS A 61 -6.20 -14.72 6.55
C CYS A 61 -6.49 -13.79 7.73
N MET A 62 -7.66 -13.96 8.31
CA MET A 62 -8.08 -13.19 9.46
C MET A 62 -7.32 -13.61 10.70
N GLY A 63 -6.66 -12.64 11.32
CA GLY A 63 -5.88 -12.92 12.51
C GLY A 63 -4.45 -13.26 12.16
N ALA A 64 -4.24 -13.69 10.94
CA ALA A 64 -2.93 -14.07 10.49
C ALA A 64 -2.10 -12.85 10.11
N HIS A 65 -2.76 -11.75 9.81
CA HIS A 65 -2.06 -10.53 9.40
C HIS A 65 -2.13 -9.43 10.46
N TRP A 66 -3.34 -8.96 10.78
CA TRP A 66 -3.50 -7.84 11.72
C TRP A 66 -3.14 -8.20 13.17
N PHE A 67 -2.70 -9.41 13.38
CA PHE A 67 -2.23 -9.84 14.67
C PHE A 67 -1.42 -11.11 14.51
N GLY A 68 -0.29 -10.96 13.82
CA GLY A 68 0.61 -12.06 13.57
C GLY A 68 1.17 -12.62 14.84
N GLY A 1 17.12 14.80 -40.01
CA GLY A 1 16.12 15.09 -38.96
C GLY A 1 15.58 13.83 -38.34
N SER A 2 16.11 13.48 -37.19
CA SER A 2 15.68 12.28 -36.49
C SER A 2 15.32 12.63 -35.05
N ALA A 3 14.15 12.20 -34.62
CA ALA A 3 13.70 12.46 -33.27
C ALA A 3 14.03 11.30 -32.36
N GLU A 4 14.29 11.61 -31.10
CA GLU A 4 14.63 10.60 -30.12
C GLU A 4 13.38 10.15 -29.39
N ALA A 5 12.53 9.41 -30.06
CA ALA A 5 11.29 8.95 -29.48
C ALA A 5 11.32 7.47 -29.25
N ARG A 6 10.25 6.96 -28.61
CA ARG A 6 10.05 5.53 -28.36
C ARG A 6 11.03 4.97 -27.32
N TRP A 7 12.08 5.71 -27.02
CA TRP A 7 13.06 5.29 -26.04
C TRP A 7 12.47 5.41 -24.65
N ASP A 8 12.22 4.29 -24.03
CA ASP A 8 11.68 4.25 -22.69
C ASP A 8 11.97 2.91 -22.05
N GLU A 9 12.84 2.92 -21.09
CA GLU A 9 13.19 1.70 -20.39
C GLU A 9 12.58 1.71 -19.00
N ALA A 10 11.49 0.98 -18.85
CA ALA A 10 10.75 0.93 -17.60
C ALA A 10 11.58 0.37 -16.47
N SER A 11 11.65 1.13 -15.40
CA SER A 11 12.37 0.70 -14.23
C SER A 11 11.42 -0.01 -13.27
N ASN A 12 11.33 -1.32 -13.40
CA ASN A 12 10.46 -2.13 -12.56
C ASN A 12 11.07 -2.27 -11.18
N VAL A 13 10.87 -1.26 -10.37
CA VAL A 13 11.43 -1.24 -9.02
C VAL A 13 10.79 -2.28 -8.12
N THR A 14 11.63 -3.02 -7.43
CA THR A 14 11.17 -4.03 -6.50
C THR A 14 11.24 -3.49 -5.08
N ILE A 15 11.84 -2.33 -4.94
CA ILE A 15 11.96 -1.70 -3.64
C ILE A 15 10.57 -1.31 -3.12
N LYS A 16 10.35 -1.55 -1.84
CA LYS A 16 9.07 -1.26 -1.23
C LYS A 16 8.79 0.22 -1.21
N VAL A 17 7.79 0.63 -1.95
CA VAL A 17 7.32 1.98 -1.89
C VAL A 17 6.45 2.12 -0.66
N SER A 18 6.52 3.26 -0.01
CA SER A 18 5.80 3.50 1.25
C SER A 18 4.31 3.14 1.14
N THR A 19 3.66 3.61 0.10
CA THR A 19 2.26 3.32 -0.08
C THR A 19 2.06 2.17 -1.04
N LYS A 20 1.12 1.30 -0.73
CA LYS A 20 0.79 0.18 -1.59
C LYS A 20 -0.52 0.47 -2.30
N PRO A 21 -0.66 0.09 -3.57
CA PRO A 21 -1.86 0.37 -4.36
C PRO A 21 -3.11 -0.41 -3.86
N CYS A 22 -4.20 0.35 -3.60
CA CYS A 22 -5.47 -0.23 -3.17
C CYS A 22 -5.94 -1.26 -4.17
N PRO A 23 -6.52 -2.37 -3.68
CA PRO A 23 -7.02 -3.43 -4.56
C PRO A 23 -8.20 -2.97 -5.39
N LYS A 24 -8.77 -1.83 -5.04
CA LYS A 24 -9.94 -1.33 -5.75
C LYS A 24 -9.59 -0.13 -6.63
N CYS A 25 -9.38 1.02 -6.00
CA CYS A 25 -9.09 2.23 -6.75
C CYS A 25 -7.62 2.33 -7.13
N ARG A 26 -6.82 1.41 -6.62
CA ARG A 26 -5.38 1.33 -6.95
C ARG A 26 -4.63 2.59 -6.47
N THR A 27 -5.22 3.30 -5.52
CA THR A 27 -4.62 4.50 -4.99
C THR A 27 -3.56 4.19 -3.94
N PRO A 28 -2.62 5.13 -3.69
CA PRO A 28 -1.57 4.95 -2.69
C PRO A 28 -2.14 4.78 -1.28
N THR A 29 -2.16 3.55 -0.81
CA THR A 29 -2.64 3.25 0.52
C THR A 29 -1.51 3.31 1.53
N GLU A 30 -1.71 4.09 2.57
CA GLU A 30 -0.71 4.28 3.61
C GLU A 30 -0.50 3.00 4.41
N ARG A 31 0.73 2.74 4.82
CA ARG A 31 1.05 1.56 5.60
C ARG A 31 1.13 1.90 7.07
N ASP A 32 0.55 1.04 7.89
CA ASP A 32 0.57 1.23 9.33
C ASP A 32 1.88 0.74 9.91
N GLY A 33 2.48 1.53 10.78
CA GLY A 33 3.75 1.17 11.37
C GLY A 33 3.59 0.35 12.63
N GLY A 34 2.70 -0.62 12.59
CA GLY A 34 2.47 -1.46 13.74
C GLY A 34 1.89 -2.80 13.36
N CYS A 35 0.69 -2.78 12.80
CA CYS A 35 0.03 -4.00 12.40
C CYS A 35 -0.04 -4.12 10.89
N MET A 36 -0.17 -5.33 10.40
CA MET A 36 -0.28 -5.57 8.96
C MET A 36 -1.72 -5.33 8.46
N HIS A 37 -2.24 -4.15 8.73
CA HIS A 37 -3.58 -3.78 8.30
C HIS A 37 -3.52 -2.50 7.50
N MET A 38 -4.22 -2.47 6.39
CA MET A 38 -4.24 -1.28 5.57
C MET A 38 -5.63 -0.73 5.39
N VAL A 39 -5.70 0.58 5.34
CA VAL A 39 -6.93 1.29 5.20
C VAL A 39 -6.81 2.27 4.05
N CYS A 40 -7.65 2.11 3.04
CA CYS A 40 -7.64 3.03 1.93
C CYS A 40 -7.98 4.43 2.40
N THR A 41 -7.25 5.38 1.92
CA THR A 41 -7.41 6.74 2.34
C THR A 41 -8.01 7.61 1.22
N ARG A 42 -8.52 6.96 0.17
CA ARG A 42 -9.18 7.68 -0.90
C ARG A 42 -10.58 8.09 -0.45
N ALA A 43 -10.96 9.32 -0.76
CA ALA A 43 -12.26 9.83 -0.38
C ALA A 43 -13.36 9.12 -1.13
N GLY A 44 -14.02 8.21 -0.45
CA GLY A 44 -15.09 7.45 -1.05
C GLY A 44 -14.84 5.96 -0.98
N CYS A 45 -13.58 5.58 -0.82
CA CYS A 45 -13.22 4.17 -0.75
C CYS A 45 -13.17 3.74 0.72
N GLY A 46 -12.05 4.01 1.37
CA GLY A 46 -11.90 3.64 2.78
C GLY A 46 -11.90 2.14 2.97
N PHE A 47 -11.58 1.41 1.92
CA PHE A 47 -11.57 -0.04 1.96
C PHE A 47 -10.42 -0.55 2.84
N GLU A 48 -10.76 -1.36 3.82
CA GLU A 48 -9.77 -1.96 4.69
C GLU A 48 -9.41 -3.33 4.18
N TRP A 49 -8.13 -3.61 4.12
CA TRP A 49 -7.67 -4.88 3.59
C TRP A 49 -6.40 -5.36 4.24
N CYS A 50 -6.12 -6.65 4.12
CA CYS A 50 -4.93 -7.22 4.66
C CYS A 50 -3.82 -7.27 3.63
N TRP A 51 -2.66 -6.83 4.05
CA TRP A 51 -1.47 -6.69 3.19
C TRP A 51 -1.20 -7.92 2.28
N VAL A 52 -0.94 -9.07 2.90
CA VAL A 52 -0.57 -10.29 2.15
C VAL A 52 -1.64 -10.74 1.13
N CYS A 53 -2.91 -10.65 1.49
CA CYS A 53 -3.98 -11.11 0.62
C CYS A 53 -4.41 -10.04 -0.37
N GLN A 54 -4.29 -8.79 0.05
CA GLN A 54 -4.72 -7.63 -0.75
C GLN A 54 -6.24 -7.64 -0.90
N THR A 55 -6.90 -8.31 0.02
CA THR A 55 -8.34 -8.38 0.06
C THR A 55 -8.81 -7.94 1.44
N GLU A 56 -10.10 -7.75 1.60
CA GLU A 56 -10.63 -7.32 2.89
C GLU A 56 -10.30 -8.33 3.98
N TRP A 57 -10.20 -7.84 5.20
CA TRP A 57 -9.90 -8.69 6.35
C TRP A 57 -10.99 -9.75 6.51
N THR A 58 -10.59 -10.97 6.82
CA THR A 58 -11.52 -12.06 6.95
C THR A 58 -11.09 -13.04 8.04
N ARG A 59 -12.01 -13.91 8.44
CA ARG A 59 -11.75 -14.91 9.48
C ARG A 59 -10.66 -15.90 9.04
N ASP A 60 -10.58 -16.14 7.74
CA ASP A 60 -9.64 -17.10 7.17
C ASP A 60 -8.20 -16.79 7.57
N CYS A 61 -7.80 -15.54 7.45
CA CYS A 61 -6.43 -15.18 7.75
C CYS A 61 -6.29 -14.46 9.09
N MET A 62 -7.26 -14.64 9.98
CA MET A 62 -7.20 -14.04 11.30
C MET A 62 -6.00 -14.55 12.07
N GLY A 63 -5.20 -13.62 12.56
CA GLY A 63 -4.01 -13.98 13.28
C GLY A 63 -2.80 -13.98 12.39
N ALA A 64 -3.01 -14.18 11.09
CA ALA A 64 -1.92 -14.22 10.14
C ALA A 64 -1.57 -12.81 9.65
N HIS A 65 -2.54 -11.91 9.70
CA HIS A 65 -2.31 -10.53 9.27
C HIS A 65 -2.63 -9.57 10.41
N TRP A 66 -2.75 -8.28 10.04
CA TRP A 66 -3.09 -7.16 10.94
C TRP A 66 -2.40 -7.21 12.30
N PHE A 67 -1.16 -7.68 12.33
CA PHE A 67 -0.39 -7.70 13.56
C PHE A 67 1.07 -7.34 13.32
N GLY A 68 1.65 -7.94 12.30
CA GLY A 68 3.03 -7.65 11.96
C GLY A 68 3.79 -8.91 11.58
N GLY A 1 23.72 18.44 -10.91
CA GLY A 1 23.40 18.20 -12.33
C GLY A 1 21.96 18.50 -12.65
N SER A 2 21.54 18.17 -13.86
CA SER A 2 20.18 18.42 -14.28
C SER A 2 19.26 17.26 -13.91
N ALA A 3 17.97 17.53 -13.82
CA ALA A 3 16.99 16.51 -13.50
C ALA A 3 16.64 15.71 -14.73
N GLU A 4 17.47 14.74 -15.02
CA GLU A 4 17.29 13.88 -16.17
C GLU A 4 16.35 12.72 -15.85
N ALA A 5 16.35 12.31 -14.60
CA ALA A 5 15.52 11.22 -14.14
C ALA A 5 15.46 11.21 -12.64
N ARG A 6 14.73 10.26 -12.08
CA ARG A 6 14.62 10.13 -10.65
C ARG A 6 15.85 9.41 -10.13
N TRP A 7 16.50 10.01 -9.14
CA TRP A 7 17.72 9.46 -8.61
C TRP A 7 17.45 8.26 -7.70
N ASP A 8 17.34 7.09 -8.31
CA ASP A 8 17.13 5.86 -7.58
C ASP A 8 18.44 5.42 -6.94
N GLU A 9 18.47 5.43 -5.63
CA GLU A 9 19.67 5.09 -4.88
C GLU A 9 19.96 3.60 -4.97
N ALA A 10 21.22 3.25 -4.86
CA ALA A 10 21.65 1.86 -4.92
C ALA A 10 21.30 1.14 -3.62
N SER A 11 20.22 0.39 -3.65
CA SER A 11 19.80 -0.36 -2.50
C SER A 11 20.36 -1.78 -2.57
N ASN A 12 20.85 -2.30 -1.46
CA ASN A 12 21.43 -3.63 -1.41
C ASN A 12 20.39 -4.67 -1.05
N VAL A 13 19.14 -4.29 -1.23
CA VAL A 13 18.01 -5.13 -0.94
C VAL A 13 16.83 -4.69 -1.79
N THR A 14 15.95 -5.61 -2.14
CA THR A 14 14.77 -5.30 -2.90
C THR A 14 13.89 -4.39 -2.08
N ILE A 15 13.82 -3.16 -2.47
CA ILE A 15 13.11 -2.17 -1.73
C ILE A 15 11.62 -2.19 -2.02
N LYS A 16 10.83 -2.06 -0.99
CA LYS A 16 9.40 -2.03 -1.10
C LYS A 16 8.92 -0.59 -1.21
N VAL A 17 8.06 -0.33 -2.17
CA VAL A 17 7.54 1.01 -2.40
C VAL A 17 6.82 1.55 -1.14
N SER A 18 6.97 2.86 -0.89
CA SER A 18 6.38 3.50 0.30
C SER A 18 4.86 3.58 0.22
N THR A 19 4.30 3.31 -0.94
CA THR A 19 2.88 3.33 -1.11
C THR A 19 2.40 2.07 -1.81
N LYS A 20 1.48 1.38 -1.18
CA LYS A 20 0.94 0.15 -1.74
C LYS A 20 -0.42 0.45 -2.36
N PRO A 21 -0.63 0.05 -3.61
CA PRO A 21 -1.88 0.32 -4.32
C PRO A 21 -3.08 -0.45 -3.75
N CYS A 22 -4.19 0.27 -3.59
CA CYS A 22 -5.43 -0.32 -3.12
C CYS A 22 -5.92 -1.35 -4.13
N PRO A 23 -6.57 -2.42 -3.68
CA PRO A 23 -7.09 -3.45 -4.57
C PRO A 23 -8.40 -3.00 -5.21
N LYS A 24 -8.86 -1.83 -4.79
CA LYS A 24 -10.12 -1.31 -5.27
C LYS A 24 -9.90 -0.10 -6.19
N CYS A 25 -9.54 1.04 -5.60
CA CYS A 25 -9.34 2.27 -6.36
C CYS A 25 -7.90 2.39 -6.85
N ARG A 26 -7.05 1.46 -6.42
CA ARG A 26 -5.65 1.40 -6.81
C ARG A 26 -4.92 2.69 -6.43
N THR A 27 -5.31 3.28 -5.32
CA THR A 27 -4.65 4.48 -4.85
C THR A 27 -3.42 4.12 -4.03
N PRO A 28 -2.45 5.04 -3.98
CA PRO A 28 -1.22 4.82 -3.23
C PRO A 28 -1.42 4.94 -1.73
N THR A 29 -1.55 3.79 -1.07
CA THR A 29 -1.72 3.76 0.36
C THR A 29 -0.36 3.84 1.04
N GLU A 30 -0.15 4.90 1.81
CA GLU A 30 1.13 5.12 2.46
C GLU A 30 1.34 4.14 3.62
N ARG A 31 2.33 3.29 3.48
CA ARG A 31 2.65 2.30 4.48
C ARG A 31 3.58 2.87 5.54
N ASP A 32 3.26 2.62 6.80
CA ASP A 32 4.07 3.06 7.92
C ASP A 32 3.93 2.08 9.08
N GLY A 33 4.86 2.14 10.03
CA GLY A 33 4.82 1.24 11.16
C GLY A 33 3.62 1.43 12.05
N GLY A 34 3.23 0.36 12.73
CA GLY A 34 2.09 0.41 13.62
C GLY A 34 1.43 -0.93 13.74
N CYS A 35 0.55 -1.24 12.81
CA CYS A 35 -0.12 -2.52 12.79
C CYS A 35 -0.02 -3.11 11.39
N MET A 36 -0.25 -4.41 11.27
CA MET A 36 -0.14 -5.07 9.99
C MET A 36 -1.51 -5.16 9.30
N HIS A 37 -2.27 -4.09 9.45
CA HIS A 37 -3.58 -3.94 8.84
C HIS A 37 -3.58 -2.63 8.04
N MET A 38 -3.70 -2.71 6.73
CA MET A 38 -3.64 -1.51 5.92
C MET A 38 -5.04 -0.97 5.64
N VAL A 39 -5.18 0.34 5.72
CA VAL A 39 -6.46 1.00 5.53
C VAL A 39 -6.42 1.96 4.36
N CYS A 40 -7.38 1.83 3.45
CA CYS A 40 -7.46 2.75 2.35
C CYS A 40 -8.10 4.04 2.82
N THR A 41 -7.41 5.12 2.64
CA THR A 41 -7.88 6.41 3.09
C THR A 41 -8.46 7.21 1.92
N ARG A 42 -8.82 6.51 0.86
CA ARG A 42 -9.42 7.13 -0.30
C ARG A 42 -10.90 7.37 -0.01
N ALA A 43 -11.32 8.63 -0.02
CA ALA A 43 -12.70 8.99 0.27
C ALA A 43 -13.66 8.26 -0.67
N GLY A 44 -14.58 7.52 -0.10
CA GLY A 44 -15.52 6.77 -0.89
C GLY A 44 -15.18 5.29 -0.88
N CYS A 45 -13.89 5.00 -0.77
CA CYS A 45 -13.42 3.63 -0.73
C CYS A 45 -13.54 3.11 0.70
N GLY A 46 -12.67 3.63 1.57
CA GLY A 46 -12.65 3.20 2.96
C GLY A 46 -12.52 1.70 3.09
N PHE A 47 -11.78 1.10 2.19
CA PHE A 47 -11.63 -0.32 2.18
C PHE A 47 -10.46 -0.77 3.04
N GLU A 48 -10.64 -1.88 3.71
CA GLU A 48 -9.61 -2.45 4.54
C GLU A 48 -9.10 -3.74 3.94
N TRP A 49 -7.81 -3.90 3.95
CA TRP A 49 -7.17 -5.10 3.43
C TRP A 49 -5.95 -5.41 4.25
N CYS A 50 -5.61 -6.69 4.33
CA CYS A 50 -4.48 -7.09 5.15
C CYS A 50 -3.16 -6.65 4.52
N TRP A 51 -2.29 -6.17 5.38
CA TRP A 51 -1.00 -5.60 5.02
C TRP A 51 -0.12 -6.53 4.18
N VAL A 52 -0.17 -7.82 4.47
CA VAL A 52 0.65 -8.80 3.77
C VAL A 52 0.11 -9.12 2.37
N CYS A 53 -1.19 -9.03 2.22
CA CYS A 53 -1.81 -9.30 0.93
C CYS A 53 -1.98 -8.01 0.14
N GLN A 54 -2.45 -8.12 -1.08
CA GLN A 54 -2.67 -6.94 -1.90
C GLN A 54 -4.13 -6.85 -2.30
N THR A 55 -4.79 -8.00 -2.27
CA THR A 55 -6.19 -8.07 -2.60
C THR A 55 -7.03 -7.96 -1.34
N GLU A 56 -8.34 -8.04 -1.49
CA GLU A 56 -9.24 -8.00 -0.35
C GLU A 56 -8.95 -9.16 0.59
N TRP A 57 -9.21 -8.95 1.86
CA TRP A 57 -8.92 -9.94 2.87
C TRP A 57 -9.87 -11.13 2.79
N THR A 58 -9.53 -12.17 3.51
CA THR A 58 -10.34 -13.34 3.61
C THR A 58 -10.23 -13.90 5.01
N ARG A 59 -11.22 -14.65 5.43
CA ARG A 59 -11.22 -15.25 6.77
C ARG A 59 -10.07 -16.24 6.93
N ASP A 60 -9.45 -16.60 5.82
CA ASP A 60 -8.34 -17.54 5.82
C ASP A 60 -7.09 -16.90 6.40
N CYS A 61 -6.90 -15.61 6.10
CA CYS A 61 -5.71 -14.91 6.56
C CYS A 61 -6.05 -13.88 7.64
N MET A 62 -7.30 -13.86 8.05
CA MET A 62 -7.74 -12.93 9.09
C MET A 62 -7.06 -13.27 10.42
N GLY A 63 -6.86 -12.27 11.24
CA GLY A 63 -6.22 -12.48 12.53
C GLY A 63 -4.71 -12.47 12.42
N ALA A 64 -4.17 -13.39 11.63
CA ALA A 64 -2.73 -13.53 11.43
C ALA A 64 -2.11 -12.25 10.86
N HIS A 65 -2.86 -11.52 10.07
CA HIS A 65 -2.37 -10.29 9.49
C HIS A 65 -2.64 -9.08 10.39
N TRP A 66 -3.94 -8.90 10.71
CA TRP A 66 -4.47 -7.72 11.47
C TRP A 66 -3.42 -6.98 12.30
N PHE A 67 -3.01 -7.57 13.41
CA PHE A 67 -2.05 -6.92 14.28
C PHE A 67 -0.75 -7.72 14.38
N GLY A 68 -0.73 -8.90 13.78
CA GLY A 68 0.44 -9.74 13.84
C GLY A 68 0.10 -11.15 14.28
N GLY A 1 18.27 27.32 -30.51
CA GLY A 1 18.65 25.89 -30.56
C GLY A 1 18.49 25.21 -29.22
N SER A 2 18.57 23.91 -29.22
CA SER A 2 18.44 23.13 -28.01
C SER A 2 19.41 21.96 -28.02
N ALA A 3 20.49 22.09 -27.29
CA ALA A 3 21.50 21.05 -27.24
C ALA A 3 21.50 20.37 -25.88
N GLU A 4 20.60 20.80 -25.03
CA GLU A 4 20.50 20.28 -23.69
C GLU A 4 19.07 19.89 -23.36
N ALA A 5 18.90 19.18 -22.27
CA ALA A 5 17.60 18.75 -21.79
C ALA A 5 17.70 18.30 -20.35
N ARG A 6 16.60 17.83 -19.80
CA ARG A 6 16.57 17.37 -18.42
C ARG A 6 17.20 15.99 -18.30
N TRP A 7 18.27 15.91 -17.54
CA TRP A 7 18.90 14.63 -17.27
C TRP A 7 18.18 13.94 -16.12
N ASP A 8 17.61 12.79 -16.40
CA ASP A 8 16.85 12.04 -15.41
C ASP A 8 16.74 10.59 -15.81
N GLU A 9 16.70 9.71 -14.83
CA GLU A 9 16.56 8.29 -15.07
C GLU A 9 15.82 7.64 -13.92
N ALA A 10 14.51 7.53 -14.06
CA ALA A 10 13.69 6.91 -13.04
C ALA A 10 13.78 5.39 -13.13
N SER A 11 14.69 4.83 -12.37
CA SER A 11 14.90 3.40 -12.36
C SER A 11 15.37 2.96 -10.98
N ASN A 12 14.51 2.26 -10.26
CA ASN A 12 14.82 1.80 -8.91
C ASN A 12 13.99 0.58 -8.57
N VAL A 13 14.37 -0.12 -7.52
CA VAL A 13 13.64 -1.28 -7.07
C VAL A 13 13.27 -1.15 -5.60
N THR A 14 12.00 -1.28 -5.30
CA THR A 14 11.51 -1.22 -3.94
C THR A 14 10.30 -2.11 -3.78
N ILE A 15 10.38 -3.05 -2.85
CA ILE A 15 9.30 -3.99 -2.63
C ILE A 15 8.20 -3.39 -1.74
N LYS A 16 8.61 -2.61 -0.75
CA LYS A 16 7.67 -1.98 0.16
C LYS A 16 7.79 -0.47 0.08
N VAL A 17 6.88 0.13 -0.64
CA VAL A 17 6.83 1.58 -0.78
C VAL A 17 5.90 2.19 0.26
N SER A 18 5.94 3.51 0.39
CA SER A 18 5.09 4.20 1.34
C SER A 18 3.64 4.14 0.88
N THR A 19 3.44 4.31 -0.40
CA THR A 19 2.11 4.26 -0.96
C THR A 19 1.92 3.03 -1.82
N LYS A 20 1.06 2.16 -1.37
CA LYS A 20 0.79 0.93 -2.08
C LYS A 20 -0.59 1.01 -2.71
N PRO A 21 -0.76 0.42 -3.91
CA PRO A 21 -2.03 0.45 -4.62
C PRO A 21 -3.13 -0.36 -3.94
N CYS A 22 -4.30 0.27 -3.76
CA CYS A 22 -5.46 -0.39 -3.19
C CYS A 22 -5.94 -1.49 -4.12
N PRO A 23 -6.37 -2.62 -3.58
CA PRO A 23 -6.85 -3.75 -4.38
C PRO A 23 -8.11 -3.40 -5.20
N LYS A 24 -8.72 -2.26 -4.93
CA LYS A 24 -9.91 -1.85 -5.65
C LYS A 24 -9.65 -0.64 -6.53
N CYS A 25 -9.42 0.51 -5.91
CA CYS A 25 -9.22 1.75 -6.66
C CYS A 25 -7.79 1.87 -7.16
N ARG A 26 -6.88 1.13 -6.51
CA ARG A 26 -5.46 1.14 -6.85
C ARG A 26 -4.81 2.48 -6.63
N THR A 27 -5.42 3.30 -5.79
CA THR A 27 -4.85 4.57 -5.45
C THR A 27 -3.70 4.39 -4.48
N PRO A 28 -2.75 5.32 -4.45
CA PRO A 28 -1.59 5.25 -3.57
C PRO A 28 -1.99 5.34 -2.09
N THR A 29 -2.10 4.19 -1.45
CA THR A 29 -2.46 4.13 -0.06
C THR A 29 -1.23 4.30 0.83
N GLU A 30 -1.21 5.38 1.59
CA GLU A 30 -0.13 5.65 2.51
C GLU A 30 -0.13 4.65 3.64
N ARG A 31 0.95 3.91 3.75
CA ARG A 31 1.08 2.97 4.84
C ARG A 31 1.25 3.71 6.15
N ASP A 32 0.27 3.58 7.00
CA ASP A 32 0.25 4.30 8.26
C ASP A 32 0.68 3.42 9.39
N GLY A 33 1.74 3.83 10.07
CA GLY A 33 2.27 3.06 11.17
C GLY A 33 2.96 1.82 10.68
N GLY A 34 3.00 0.82 11.53
CA GLY A 34 3.61 -0.43 11.15
C GLY A 34 2.72 -1.60 11.47
N CYS A 35 1.42 -1.32 11.58
CA CYS A 35 0.45 -2.35 11.86
C CYS A 35 0.20 -3.17 10.60
N MET A 36 -0.02 -4.47 10.77
CA MET A 36 -0.23 -5.35 9.63
C MET A 36 -1.69 -5.32 9.15
N HIS A 37 -2.31 -4.18 9.34
CA HIS A 37 -3.66 -3.95 8.89
C HIS A 37 -3.64 -2.70 8.02
N MET A 38 -4.00 -2.84 6.75
CA MET A 38 -3.92 -1.72 5.84
C MET A 38 -5.29 -1.17 5.50
N VAL A 39 -5.37 0.14 5.49
CA VAL A 39 -6.61 0.84 5.25
C VAL A 39 -6.46 1.79 4.08
N CYS A 40 -7.38 1.72 3.13
CA CYS A 40 -7.38 2.64 2.04
C CYS A 40 -7.82 4.00 2.56
N THR A 41 -6.89 4.92 2.59
CA THR A 41 -7.15 6.23 3.11
C THR A 41 -7.80 7.14 2.06
N ARG A 42 -8.19 6.56 0.93
CA ARG A 42 -8.87 7.31 -0.10
C ARG A 42 -10.29 7.64 0.35
N ALA A 43 -10.58 8.93 0.49
CA ALA A 43 -11.90 9.37 0.90
C ALA A 43 -12.97 8.88 -0.07
N GLY A 44 -13.73 7.89 0.36
CA GLY A 44 -14.76 7.32 -0.48
C GLY A 44 -14.59 5.82 -0.61
N CYS A 45 -13.37 5.34 -0.40
CA CYS A 45 -13.09 3.92 -0.48
C CYS A 45 -13.20 3.30 0.91
N GLY A 46 -12.24 3.63 1.76
CA GLY A 46 -12.25 3.14 3.13
C GLY A 46 -12.18 1.63 3.22
N PHE A 47 -11.58 1.01 2.20
CA PHE A 47 -11.46 -0.44 2.17
C PHE A 47 -10.28 -0.90 3.00
N GLU A 48 -10.44 -2.00 3.69
CA GLU A 48 -9.39 -2.54 4.51
C GLU A 48 -8.90 -3.87 3.97
N TRP A 49 -7.60 -3.97 3.78
CA TRP A 49 -6.99 -5.18 3.26
C TRP A 49 -5.90 -5.68 4.21
N CYS A 50 -5.61 -6.97 4.16
CA CYS A 50 -4.68 -7.57 5.09
C CYS A 50 -3.22 -7.45 4.64
N TRP A 51 -2.59 -6.33 5.06
CA TRP A 51 -1.18 -5.94 4.77
C TRP A 51 -0.41 -6.84 3.78
N VAL A 52 -0.01 -8.03 4.25
CA VAL A 52 0.82 -8.95 3.45
C VAL A 52 0.14 -9.30 2.12
N CYS A 53 -1.15 -9.61 2.19
CA CYS A 53 -1.91 -9.96 1.02
C CYS A 53 -2.43 -8.71 0.34
N GLN A 54 -1.85 -8.35 -0.79
CA GLN A 54 -2.28 -7.17 -1.52
C GLN A 54 -3.56 -7.48 -2.31
N THR A 55 -4.56 -7.89 -1.57
CA THR A 55 -5.85 -8.25 -2.09
C THR A 55 -6.91 -7.84 -1.09
N GLU A 56 -8.11 -8.35 -1.23
CA GLU A 56 -9.17 -8.06 -0.29
C GLU A 56 -8.94 -8.80 1.03
N TRP A 57 -9.69 -8.40 2.05
CA TRP A 57 -9.60 -9.02 3.36
C TRP A 57 -9.88 -10.53 3.24
N THR A 58 -8.87 -11.32 3.48
CA THR A 58 -8.99 -12.75 3.33
C THR A 58 -9.34 -13.43 4.66
N ARG A 59 -10.38 -14.26 4.64
CA ARG A 59 -10.86 -14.94 5.84
C ARG A 59 -10.07 -16.22 6.12
N ASP A 60 -9.01 -16.44 5.39
CA ASP A 60 -8.18 -17.62 5.58
C ASP A 60 -6.87 -17.26 6.26
N CYS A 61 -6.57 -15.97 6.28
CA CYS A 61 -5.37 -15.49 6.93
C CYS A 61 -5.74 -14.45 7.99
N MET A 62 -7.04 -14.35 8.26
CA MET A 62 -7.55 -13.40 9.23
C MET A 62 -7.05 -13.74 10.63
N GLY A 63 -7.05 -12.75 11.50
CA GLY A 63 -6.57 -12.96 12.85
C GLY A 63 -5.07 -12.80 12.93
N ALA A 64 -4.36 -13.46 12.02
CA ALA A 64 -2.91 -13.39 11.95
C ALA A 64 -2.47 -12.07 11.33
N HIS A 65 -3.21 -11.62 10.33
CA HIS A 65 -2.91 -10.36 9.65
C HIS A 65 -3.33 -9.16 10.49
N TRP A 66 -4.59 -9.17 10.93
CA TRP A 66 -5.17 -8.04 11.67
C TRP A 66 -4.31 -7.65 12.86
N PHE A 67 -3.47 -6.62 12.67
CA PHE A 67 -2.60 -6.10 13.73
C PHE A 67 -1.72 -7.21 14.31
N GLY A 68 -1.38 -8.18 13.47
CA GLY A 68 -0.58 -9.29 13.90
C GLY A 68 0.85 -8.87 14.23
N GLY A 1 7.19 42.68 2.58
CA GLY A 1 7.43 41.72 1.48
C GLY A 1 7.06 40.31 1.87
N SER A 2 6.67 39.51 0.90
CA SER A 2 6.30 38.14 1.17
C SER A 2 7.51 37.23 1.06
N ALA A 3 7.99 36.74 2.19
CA ALA A 3 9.13 35.87 2.21
C ALA A 3 8.72 34.45 1.85
N GLU A 4 8.87 34.13 0.58
CA GLU A 4 8.54 32.82 0.07
C GLU A 4 9.71 32.27 -0.74
N ALA A 5 9.79 30.97 -0.84
CA ALA A 5 10.85 30.32 -1.59
C ALA A 5 10.33 29.04 -2.20
N ARG A 6 11.22 28.25 -2.75
CA ARG A 6 10.84 26.98 -3.31
C ARG A 6 10.80 25.95 -2.20
N TRP A 7 9.60 25.54 -1.82
CA TRP A 7 9.45 24.56 -0.78
C TRP A 7 9.66 23.16 -1.31
N ASP A 8 10.91 22.80 -1.48
CA ASP A 8 11.28 21.48 -1.92
C ASP A 8 11.54 20.63 -0.69
N GLU A 9 10.47 20.08 -0.15
CA GLU A 9 10.54 19.34 1.08
C GLU A 9 10.57 17.84 0.81
N ALA A 10 11.74 17.26 0.93
CA ALA A 10 11.91 15.84 0.72
C ALA A 10 11.65 15.08 2.01
N SER A 11 10.44 14.56 2.15
CA SER A 11 10.07 13.81 3.33
C SER A 11 9.21 12.60 2.97
N ASN A 12 9.83 11.43 2.98
CA ASN A 12 9.15 10.18 2.66
C ASN A 12 10.05 9.00 2.99
N VAL A 13 9.44 7.88 3.32
CA VAL A 13 10.19 6.66 3.62
C VAL A 13 9.90 5.61 2.55
N THR A 14 10.93 5.20 1.82
CA THR A 14 10.77 4.31 0.67
C THR A 14 10.57 2.85 1.05
N ILE A 15 10.60 2.56 2.34
CA ILE A 15 10.44 1.18 2.78
C ILE A 15 9.09 0.61 2.33
N LYS A 16 9.17 -0.53 1.64
CA LYS A 16 7.98 -1.24 1.14
C LYS A 16 7.29 -0.43 0.02
N VAL A 17 8.10 0.30 -0.75
CA VAL A 17 7.61 1.10 -1.89
C VAL A 17 6.77 2.30 -1.39
N SER A 18 6.72 2.46 -0.07
CA SER A 18 5.96 3.52 0.59
C SER A 18 4.45 3.24 0.49
N THR A 19 3.82 3.73 -0.56
CA THR A 19 2.40 3.57 -0.74
C THR A 19 2.09 2.30 -1.49
N LYS A 20 1.00 1.66 -1.12
CA LYS A 20 0.57 0.45 -1.80
C LYS A 20 -0.73 0.69 -2.54
N PRO A 21 -0.90 0.07 -3.71
CA PRO A 21 -2.12 0.22 -4.50
C PRO A 21 -3.31 -0.55 -3.91
N CYS A 22 -4.43 0.14 -3.77
CA CYS A 22 -5.65 -0.45 -3.28
C CYS A 22 -6.11 -1.56 -4.22
N PRO A 23 -6.66 -2.65 -3.69
CA PRO A 23 -7.13 -3.76 -4.49
C PRO A 23 -8.47 -3.42 -5.15
N LYS A 24 -9.02 -2.27 -4.79
CA LYS A 24 -10.31 -1.86 -5.29
C LYS A 24 -10.20 -0.69 -6.25
N CYS A 25 -9.74 0.45 -5.75
CA CYS A 25 -9.64 1.65 -6.58
C CYS A 25 -8.24 1.87 -7.11
N ARG A 26 -7.29 1.11 -6.56
CA ARG A 26 -5.88 1.22 -6.94
C ARG A 26 -5.35 2.63 -6.74
N THR A 27 -5.25 3.02 -5.50
CA THR A 27 -4.74 4.32 -5.16
C THR A 27 -3.57 4.16 -4.18
N PRO A 28 -2.67 5.16 -4.14
CA PRO A 28 -1.51 5.12 -3.24
C PRO A 28 -1.92 5.15 -1.76
N THR A 29 -1.99 3.98 -1.16
CA THR A 29 -2.33 3.86 0.24
C THR A 29 -1.11 4.16 1.10
N GLU A 30 -1.20 5.23 1.87
CA GLU A 30 -0.11 5.64 2.74
C GLU A 30 0.04 4.69 3.90
N ARG A 31 1.25 4.21 4.12
CA ARG A 31 1.52 3.27 5.18
C ARG A 31 1.88 3.99 6.47
N ASP A 32 1.89 3.26 7.55
CA ASP A 32 2.24 3.79 8.84
C ASP A 32 3.05 2.77 9.61
N GLY A 33 3.93 3.24 10.46
CA GLY A 33 4.71 2.35 11.26
C GLY A 33 4.12 2.20 12.63
N GLY A 34 2.83 1.95 12.68
CA GLY A 34 2.16 1.78 13.95
C GLY A 34 1.42 0.47 14.04
N CYS A 35 0.81 0.05 12.95
CA CYS A 35 0.06 -1.18 12.94
C CYS A 35 0.31 -1.99 11.67
N MET A 36 0.04 -3.29 11.72
CA MET A 36 0.19 -4.15 10.56
C MET A 36 -1.17 -4.38 9.90
N HIS A 37 -1.96 -3.34 9.88
CA HIS A 37 -3.25 -3.35 9.22
C HIS A 37 -3.29 -2.19 8.25
N MET A 38 -3.67 -2.44 7.01
CA MET A 38 -3.67 -1.39 6.02
C MET A 38 -5.06 -0.97 5.63
N VAL A 39 -5.26 0.32 5.55
CA VAL A 39 -6.55 0.87 5.23
C VAL A 39 -6.44 1.84 4.06
N CYS A 40 -7.26 1.64 3.05
CA CYS A 40 -7.33 2.56 1.95
C CYS A 40 -7.95 3.83 2.46
N THR A 41 -7.11 4.79 2.74
CA THR A 41 -7.53 6.05 3.32
C THR A 41 -8.09 7.00 2.25
N ARG A 42 -8.64 6.45 1.19
CA ARG A 42 -9.23 7.25 0.16
C ARG A 42 -10.66 7.60 0.55
N ALA A 43 -11.03 8.86 0.39
CA ALA A 43 -12.37 9.33 0.76
C ALA A 43 -13.45 8.58 -0.01
N GLY A 44 -13.16 8.28 -1.27
CA GLY A 44 -14.12 7.58 -2.08
C GLY A 44 -13.92 6.07 -2.05
N CYS A 45 -13.36 5.56 -0.96
CA CYS A 45 -13.15 4.12 -0.84
C CYS A 45 -13.34 3.66 0.60
N GLY A 46 -12.37 3.93 1.46
CA GLY A 46 -12.42 3.48 2.83
C GLY A 46 -12.47 1.96 2.91
N PHE A 47 -11.44 1.33 2.40
CA PHE A 47 -11.37 -0.12 2.36
C PHE A 47 -10.27 -0.61 3.28
N GLU A 48 -10.37 -1.86 3.73
CA GLU A 48 -9.36 -2.42 4.61
C GLU A 48 -8.82 -3.72 4.06
N TRP A 49 -7.55 -3.97 4.32
CA TRP A 49 -6.88 -5.19 3.91
C TRP A 49 -5.63 -5.42 4.74
N CYS A 50 -5.13 -6.65 4.74
CA CYS A 50 -3.98 -6.97 5.54
C CYS A 50 -2.71 -6.36 4.99
N TRP A 51 -1.91 -5.84 5.89
CA TRP A 51 -0.64 -5.20 5.56
C TRP A 51 0.30 -6.15 4.81
N VAL A 52 0.30 -7.41 5.21
CA VAL A 52 1.17 -8.41 4.60
C VAL A 52 0.75 -8.73 3.15
N CYS A 53 -0.55 -8.83 2.90
CA CYS A 53 -1.04 -9.14 1.57
C CYS A 53 -1.28 -7.87 0.75
N GLN A 54 -1.85 -8.05 -0.43
CA GLN A 54 -2.18 -6.92 -1.31
C GLN A 54 -3.59 -7.11 -1.85
N THR A 55 -4.33 -7.99 -1.20
CA THR A 55 -5.68 -8.33 -1.58
C THR A 55 -6.62 -8.03 -0.42
N GLU A 56 -7.94 -8.01 -0.69
CA GLU A 56 -8.93 -7.77 0.36
C GLU A 56 -8.80 -8.80 1.48
N TRP A 57 -9.26 -8.46 2.66
CA TRP A 57 -9.17 -9.35 3.80
C TRP A 57 -9.91 -10.66 3.52
N THR A 58 -9.33 -11.76 3.92
CA THR A 58 -9.93 -13.06 3.68
C THR A 58 -10.12 -13.80 4.99
N ARG A 59 -10.87 -14.89 4.94
CA ARG A 59 -11.12 -15.70 6.12
C ARG A 59 -10.02 -16.75 6.26
N ASP A 60 -9.02 -16.67 5.40
CA ASP A 60 -7.90 -17.60 5.42
C ASP A 60 -6.71 -16.99 6.14
N CYS A 61 -6.43 -15.73 5.85
CA CYS A 61 -5.34 -15.03 6.50
C CYS A 61 -5.89 -14.16 7.64
N MET A 62 -7.14 -14.42 7.98
CA MET A 62 -7.84 -13.74 9.06
C MET A 62 -7.18 -14.04 10.39
N GLY A 63 -6.95 -13.00 11.18
CA GLY A 63 -6.33 -13.16 12.48
C GLY A 63 -4.82 -13.19 12.40
N ALA A 64 -4.30 -13.71 11.30
CA ALA A 64 -2.86 -13.82 11.10
C ALA A 64 -2.22 -12.45 10.89
N HIS A 65 -2.89 -11.61 10.12
CA HIS A 65 -2.33 -10.29 9.83
C HIS A 65 -2.96 -9.19 10.65
N TRP A 66 -4.24 -9.37 11.01
CA TRP A 66 -5.01 -8.33 11.71
C TRP A 66 -4.24 -7.76 12.92
N PHE A 67 -3.60 -6.60 12.73
CA PHE A 67 -2.86 -5.92 13.79
C PHE A 67 -1.84 -6.87 14.47
N GLY A 68 -1.29 -7.78 13.68
CA GLY A 68 -0.34 -8.72 14.23
C GLY A 68 1.02 -8.11 14.46
N GLY A 1 15.76 16.36 -36.16
CA GLY A 1 14.51 17.14 -36.14
C GLY A 1 14.78 18.62 -36.03
N SER A 2 14.11 19.26 -35.09
CA SER A 2 14.29 20.68 -34.87
C SER A 2 13.96 21.04 -33.42
N ALA A 3 13.05 20.30 -32.82
CA ALA A 3 12.65 20.52 -31.45
C ALA A 3 13.13 19.38 -30.57
N GLU A 4 14.38 18.98 -30.77
CA GLU A 4 14.99 17.91 -30.01
C GLU A 4 15.09 18.31 -28.54
N ALA A 5 14.99 17.36 -27.65
CA ALA A 5 15.05 17.64 -26.23
C ALA A 5 15.73 16.51 -25.48
N ARG A 6 15.60 16.53 -24.16
CA ARG A 6 16.19 15.52 -23.31
C ARG A 6 15.28 14.30 -23.22
N TRP A 7 15.87 13.12 -23.41
CA TRP A 7 15.11 11.87 -23.32
C TRP A 7 15.90 10.78 -22.61
N ASP A 8 16.26 11.05 -21.36
CA ASP A 8 16.99 10.09 -20.54
C ASP A 8 16.03 9.01 -20.08
N GLU A 9 16.29 7.78 -20.48
CA GLU A 9 15.40 6.68 -20.18
C GLU A 9 15.93 5.82 -19.05
N ALA A 10 15.46 6.10 -17.85
CA ALA A 10 15.84 5.34 -16.69
C ALA A 10 14.70 5.26 -15.70
N SER A 11 13.81 4.31 -15.94
CA SER A 11 12.66 4.11 -15.08
C SER A 11 12.79 2.79 -14.34
N ASN A 12 13.30 2.84 -13.11
CA ASN A 12 13.49 1.63 -12.33
C ASN A 12 13.75 1.95 -10.87
N VAL A 13 13.02 1.28 -10.00
CA VAL A 13 13.23 1.40 -8.56
C VAL A 13 13.83 0.10 -8.04
N THR A 14 14.69 0.18 -7.06
CA THR A 14 15.37 -1.01 -6.54
C THR A 14 14.71 -1.54 -5.27
N ILE A 15 13.74 -0.81 -4.76
CA ILE A 15 13.06 -1.22 -3.54
C ILE A 15 11.55 -1.10 -3.72
N LYS A 16 10.79 -1.73 -2.83
CA LYS A 16 9.34 -1.65 -2.87
C LYS A 16 8.91 -0.21 -2.61
N VAL A 17 8.08 0.32 -3.50
CA VAL A 17 7.60 1.68 -3.36
C VAL A 17 6.87 1.85 -2.02
N SER A 18 7.04 3.00 -1.39
CA SER A 18 6.48 3.24 -0.06
C SER A 18 4.95 3.19 -0.08
N THR A 19 4.34 3.88 -1.01
CA THR A 19 2.90 3.85 -1.08
C THR A 19 2.43 2.65 -1.86
N LYS A 20 1.45 1.97 -1.33
CA LYS A 20 0.94 0.76 -1.93
C LYS A 20 -0.45 1.01 -2.49
N PRO A 21 -0.74 0.50 -3.68
CA PRO A 21 -2.03 0.71 -4.31
C PRO A 21 -3.13 -0.18 -3.71
N CYS A 22 -4.31 0.42 -3.50
CA CYS A 22 -5.47 -0.30 -3.02
C CYS A 22 -5.84 -1.39 -4.03
N PRO A 23 -6.32 -2.55 -3.56
CA PRO A 23 -6.68 -3.65 -4.43
C PRO A 23 -8.01 -3.39 -5.11
N LYS A 24 -8.61 -2.25 -4.77
CA LYS A 24 -9.89 -1.89 -5.30
C LYS A 24 -9.79 -0.67 -6.22
N CYS A 25 -9.31 0.45 -5.69
CA CYS A 25 -9.20 1.68 -6.47
C CYS A 25 -7.77 1.95 -6.91
N ARG A 26 -6.82 1.26 -6.28
CA ARG A 26 -5.40 1.42 -6.59
C ARG A 26 -4.85 2.80 -6.24
N THR A 27 -5.49 3.47 -5.30
CA THR A 27 -5.01 4.77 -4.86
C THR A 27 -3.78 4.60 -3.97
N PRO A 28 -2.92 5.63 -3.89
CA PRO A 28 -1.71 5.60 -3.08
C PRO A 28 -2.01 5.48 -1.58
N THR A 29 -1.94 4.27 -1.08
CA THR A 29 -2.16 3.99 0.32
C THR A 29 -0.83 3.91 1.05
N GLU A 30 -0.71 4.66 2.14
CA GLU A 30 0.51 4.65 2.92
C GLU A 30 0.73 3.31 3.58
N ARG A 31 1.96 2.86 3.55
CA ARG A 31 2.31 1.58 4.13
C ARG A 31 2.68 1.72 5.60
N ASP A 32 3.04 0.59 6.21
CA ASP A 32 3.39 0.44 7.64
C ASP A 32 3.91 1.73 8.27
N GLY A 33 3.07 2.34 9.07
CA GLY A 33 3.44 3.53 9.79
C GLY A 33 3.16 3.35 11.27
N GLY A 34 2.82 2.12 11.62
CA GLY A 34 2.51 1.78 12.98
C GLY A 34 2.05 0.35 13.12
N CYS A 35 1.31 -0.12 12.13
CA CYS A 35 0.81 -1.48 12.15
C CYS A 35 0.81 -2.10 10.76
N MET A 36 0.76 -3.43 10.71
CA MET A 36 0.75 -4.19 9.47
C MET A 36 -0.61 -4.08 8.76
N HIS A 37 -1.62 -3.73 9.52
CA HIS A 37 -2.97 -3.59 8.97
C HIS A 37 -3.05 -2.33 8.10
N MET A 38 -3.05 -2.51 6.78
CA MET A 38 -3.11 -1.38 5.86
C MET A 38 -4.54 -1.04 5.53
N VAL A 39 -4.85 0.24 5.50
CA VAL A 39 -6.20 0.71 5.25
C VAL A 39 -6.22 1.71 4.11
N CYS A 40 -7.13 1.51 3.16
CA CYS A 40 -7.30 2.45 2.08
C CYS A 40 -7.79 3.77 2.66
N THR A 41 -7.07 4.80 2.39
CA THR A 41 -7.38 6.11 2.92
C THR A 41 -8.14 6.96 1.90
N ARG A 42 -8.57 6.33 0.80
CA ARG A 42 -9.33 7.03 -0.20
C ARG A 42 -10.77 7.20 0.25
N ALA A 43 -11.29 8.41 0.10
CA ALA A 43 -12.67 8.69 0.46
C ALA A 43 -13.60 7.92 -0.45
N GLY A 44 -14.62 7.32 0.13
CA GLY A 44 -15.55 6.54 -0.64
C GLY A 44 -15.14 5.09 -0.72
N CYS A 45 -13.90 4.81 -0.33
CA CYS A 45 -13.39 3.45 -0.34
C CYS A 45 -13.32 2.92 1.07
N GLY A 46 -12.34 3.43 1.85
CA GLY A 46 -12.15 2.99 3.24
C GLY A 46 -12.02 1.49 3.35
N PHE A 47 -11.42 0.89 2.35
CA PHE A 47 -11.29 -0.54 2.27
C PHE A 47 -10.09 -1.03 3.06
N GLU A 48 -10.31 -2.04 3.88
CA GLU A 48 -9.24 -2.62 4.65
C GLU A 48 -8.85 -3.94 4.04
N TRP A 49 -7.57 -4.17 3.89
CA TRP A 49 -7.07 -5.37 3.27
C TRP A 49 -5.86 -5.90 4.00
N CYS A 50 -5.63 -7.21 3.90
CA CYS A 50 -4.55 -7.82 4.62
C CYS A 50 -3.21 -7.57 3.93
N TRP A 51 -2.30 -7.01 4.71
CA TRP A 51 -0.96 -6.64 4.28
C TRP A 51 -0.26 -7.72 3.47
N VAL A 52 -0.06 -8.87 4.10
CA VAL A 52 0.69 -9.98 3.52
C VAL A 52 0.14 -10.41 2.14
N CYS A 53 -1.18 -10.50 2.01
CA CYS A 53 -1.77 -10.92 0.75
C CYS A 53 -1.80 -9.77 -0.27
N GLN A 54 -1.80 -8.53 0.23
CA GLN A 54 -1.77 -7.33 -0.63
C GLN A 54 -3.03 -7.26 -1.52
N THR A 55 -4.04 -7.99 -1.12
CA THR A 55 -5.28 -8.05 -1.87
C THR A 55 -6.44 -8.02 -0.88
N GLU A 56 -7.67 -7.99 -1.38
CA GLU A 56 -8.83 -8.01 -0.49
C GLU A 56 -8.77 -9.25 0.39
N TRP A 57 -8.92 -9.04 1.67
CA TRP A 57 -8.82 -10.11 2.63
C TRP A 57 -9.90 -11.17 2.39
N THR A 58 -9.48 -12.42 2.33
CA THR A 58 -10.40 -13.53 2.12
C THR A 58 -11.16 -13.84 3.42
N ARG A 59 -10.81 -13.09 4.47
CA ARG A 59 -11.38 -13.22 5.81
C ARG A 59 -10.86 -14.47 6.51
N ASP A 60 -10.51 -15.50 5.75
CA ASP A 60 -9.91 -16.70 6.30
C ASP A 60 -8.59 -16.37 6.94
N CYS A 61 -7.92 -15.35 6.40
CA CYS A 61 -6.63 -14.92 6.88
C CYS A 61 -6.73 -13.68 7.78
N MET A 62 -7.95 -13.37 8.24
CA MET A 62 -8.15 -12.22 9.11
C MET A 62 -7.55 -12.52 10.48
N GLY A 63 -7.15 -11.48 11.18
CA GLY A 63 -6.54 -11.66 12.48
C GLY A 63 -5.06 -11.94 12.38
N ALA A 64 -4.70 -12.81 11.45
CA ALA A 64 -3.31 -13.18 11.24
C ALA A 64 -2.53 -12.04 10.58
N HIS A 65 -3.15 -11.41 9.58
CA HIS A 65 -2.49 -10.31 8.87
C HIS A 65 -2.83 -8.97 9.49
N TRP A 66 -3.61 -9.00 10.56
CA TRP A 66 -4.03 -7.77 11.22
C TRP A 66 -2.89 -7.18 12.05
N PHE A 67 -3.24 -6.28 12.97
CA PHE A 67 -2.28 -5.63 13.86
C PHE A 67 -1.41 -6.68 14.56
N GLY A 68 -0.12 -6.65 14.27
CA GLY A 68 0.79 -7.58 14.88
C GLY A 68 2.09 -7.69 14.11
N GLY A 1 28.80 18.06 -34.34
CA GLY A 1 29.08 18.87 -33.15
C GLY A 1 28.50 18.25 -31.90
N SER A 2 29.34 17.71 -31.06
CA SER A 2 28.92 17.05 -29.85
C SER A 2 28.44 18.06 -28.81
N ALA A 3 27.17 17.98 -28.46
CA ALA A 3 26.58 18.85 -27.47
C ALA A 3 26.06 18.02 -26.32
N GLU A 4 26.68 18.15 -25.17
CA GLU A 4 26.28 17.39 -24.00
C GLU A 4 25.69 18.30 -22.94
N ALA A 5 24.80 17.75 -22.13
CA ALA A 5 24.14 18.51 -21.08
C ALA A 5 24.92 18.44 -19.77
N ARG A 6 24.30 18.94 -18.71
CA ARG A 6 24.90 18.96 -17.39
C ARG A 6 24.29 17.87 -16.53
N TRP A 7 25.02 16.79 -16.33
CA TRP A 7 24.51 15.66 -15.57
C TRP A 7 24.93 15.72 -14.11
N ASP A 8 23.94 15.86 -13.25
CA ASP A 8 24.13 15.88 -11.81
C ASP A 8 22.80 15.69 -11.11
N GLU A 9 22.68 14.60 -10.37
CA GLU A 9 21.46 14.29 -9.66
C GLU A 9 21.79 13.59 -8.35
N ALA A 10 20.76 13.26 -7.58
CA ALA A 10 20.95 12.56 -6.33
C ALA A 10 19.88 11.49 -6.16
N SER A 11 20.17 10.31 -6.67
CA SER A 11 19.25 9.20 -6.58
C SER A 11 19.60 8.30 -5.40
N ASN A 12 19.08 8.64 -4.24
CA ASN A 12 19.32 7.88 -3.04
C ASN A 12 18.00 7.50 -2.41
N VAL A 13 17.71 6.22 -2.40
CA VAL A 13 16.45 5.73 -1.86
C VAL A 13 16.68 4.86 -0.64
N THR A 14 16.10 5.27 0.47
CA THR A 14 16.22 4.52 1.70
C THR A 14 14.86 3.93 2.10
N ILE A 15 13.90 4.02 1.18
CA ILE A 15 12.56 3.52 1.40
C ILE A 15 11.99 2.90 0.13
N LYS A 16 10.94 2.10 0.29
CA LYS A 16 10.23 1.52 -0.84
C LYS A 16 9.14 2.47 -1.23
N VAL A 17 8.21 2.02 -2.05
CA VAL A 17 7.06 2.84 -2.35
C VAL A 17 6.25 3.04 -1.07
N SER A 18 6.32 4.27 -0.54
CA SER A 18 5.69 4.59 0.73
C SER A 18 4.16 4.48 0.64
N THR A 19 3.65 4.39 -0.57
CA THR A 19 2.25 4.20 -0.77
C THR A 19 2.00 3.02 -1.68
N LYS A 20 1.24 2.09 -1.20
CA LYS A 20 0.96 0.87 -1.94
C LYS A 20 -0.45 0.97 -2.54
N PRO A 21 -0.64 0.42 -3.75
CA PRO A 21 -1.93 0.51 -4.45
C PRO A 21 -3.05 -0.33 -3.81
N CYS A 22 -4.23 0.28 -3.69
CA CYS A 22 -5.42 -0.40 -3.18
C CYS A 22 -5.79 -1.52 -4.14
N PRO A 23 -6.32 -2.65 -3.63
CA PRO A 23 -6.71 -3.77 -4.48
C PRO A 23 -7.97 -3.46 -5.27
N LYS A 24 -8.59 -2.34 -4.92
CA LYS A 24 -9.83 -1.94 -5.53
C LYS A 24 -9.63 -0.68 -6.37
N CYS A 25 -9.10 0.36 -5.74
CA CYS A 25 -8.92 1.64 -6.40
C CYS A 25 -7.54 1.76 -7.03
N ARG A 26 -6.59 1.01 -6.49
CA ARG A 26 -5.19 1.08 -6.94
C ARG A 26 -4.60 2.45 -6.64
N THR A 27 -5.23 3.16 -5.73
CA THR A 27 -4.81 4.48 -5.32
C THR A 27 -3.62 4.38 -4.36
N PRO A 28 -2.83 5.46 -4.22
CA PRO A 28 -1.70 5.50 -3.30
C PRO A 28 -2.15 5.41 -1.84
N THR A 29 -2.22 4.21 -1.33
CA THR A 29 -2.64 3.99 0.03
C THR A 29 -1.48 4.24 0.97
N GLU A 30 -1.69 5.13 1.94
CA GLU A 30 -0.68 5.45 2.92
C GLU A 30 -0.25 4.21 3.68
N ARG A 31 0.89 3.69 3.31
CA ARG A 31 1.43 2.53 3.93
C ARG A 31 1.93 2.87 5.33
N ASP A 32 1.12 2.57 6.31
CA ASP A 32 1.43 2.85 7.70
C ASP A 32 1.98 1.60 8.35
N GLY A 33 3.25 1.64 8.73
CA GLY A 33 3.90 0.46 9.30
C GLY A 33 3.55 0.21 10.76
N GLY A 34 2.35 0.55 11.16
CA GLY A 34 1.92 0.32 12.52
C GLY A 34 1.55 -1.13 12.75
N CYS A 35 0.77 -1.68 11.85
CA CYS A 35 0.33 -3.05 11.93
C CYS A 35 0.36 -3.69 10.55
N MET A 36 0.03 -4.98 10.49
CA MET A 36 -0.01 -5.70 9.22
C MET A 36 -1.39 -5.53 8.55
N HIS A 37 -1.99 -4.38 8.78
CA HIS A 37 -3.29 -4.05 8.21
C HIS A 37 -3.19 -2.71 7.49
N MET A 38 -3.39 -2.71 6.19
CA MET A 38 -3.34 -1.48 5.44
C MET A 38 -4.76 -1.04 5.05
N VAL A 39 -5.09 0.19 5.34
CA VAL A 39 -6.43 0.70 5.06
C VAL A 39 -6.39 1.71 3.93
N CYS A 40 -7.27 1.51 2.95
CA CYS A 40 -7.39 2.47 1.87
C CYS A 40 -7.96 3.75 2.43
N THR A 41 -7.08 4.70 2.65
CA THR A 41 -7.44 5.96 3.26
C THR A 41 -8.17 6.88 2.27
N ARG A 42 -8.54 6.35 1.10
CA ARG A 42 -9.29 7.10 0.14
C ARG A 42 -10.67 7.39 0.71
N ALA A 43 -11.04 8.66 0.73
CA ALA A 43 -12.33 9.07 1.29
C ALA A 43 -13.50 8.37 0.60
N GLY A 44 -13.32 8.06 -0.68
CA GLY A 44 -14.35 7.37 -1.41
C GLY A 44 -14.13 5.86 -1.45
N CYS A 45 -13.54 5.32 -0.40
CA CYS A 45 -13.31 3.89 -0.32
C CYS A 45 -13.48 3.38 1.10
N GLY A 46 -12.47 3.64 1.93
CA GLY A 46 -12.49 3.15 3.30
C GLY A 46 -12.42 1.63 3.33
N PHE A 47 -11.64 1.07 2.43
CA PHE A 47 -11.53 -0.37 2.30
C PHE A 47 -10.37 -0.90 3.14
N GLU A 48 -10.56 -2.05 3.74
CA GLU A 48 -9.53 -2.67 4.55
C GLU A 48 -8.98 -3.91 3.85
N TRP A 49 -7.68 -4.02 3.83
CA TRP A 49 -7.01 -5.17 3.23
C TRP A 49 -5.75 -5.51 4.02
N CYS A 50 -5.30 -6.74 3.91
CA CYS A 50 -4.13 -7.15 4.65
C CYS A 50 -2.85 -6.66 4.03
N TRP A 51 -1.82 -6.65 4.83
CA TRP A 51 -0.52 -6.14 4.43
C TRP A 51 0.23 -7.13 3.55
N VAL A 52 0.04 -8.41 3.80
CA VAL A 52 0.75 -9.43 3.06
C VAL A 52 0.08 -9.75 1.72
N CYS A 53 -1.24 -9.82 1.73
CA CYS A 53 -1.99 -10.14 0.52
C CYS A 53 -2.41 -8.87 -0.21
N GLN A 54 -2.16 -8.82 -1.49
CA GLN A 54 -2.55 -7.67 -2.31
C GLN A 54 -3.98 -7.87 -2.83
N THR A 55 -4.77 -8.54 -2.01
CA THR A 55 -6.14 -8.85 -2.32
C THR A 55 -7.01 -8.46 -1.12
N GLU A 56 -8.31 -8.33 -1.35
CA GLU A 56 -9.24 -7.99 -0.28
C GLU A 56 -9.15 -8.97 0.87
N TRP A 57 -9.43 -8.49 2.08
CA TRP A 57 -9.30 -9.28 3.29
C TRP A 57 -10.07 -10.60 3.20
N THR A 58 -9.48 -11.62 3.76
CA THR A 58 -10.06 -12.95 3.77
C THR A 58 -10.35 -13.35 5.23
N ARG A 59 -11.32 -14.25 5.43
CA ARG A 59 -11.67 -14.68 6.78
C ARG A 59 -10.50 -15.42 7.43
N ASP A 60 -9.77 -16.19 6.63
CA ASP A 60 -8.60 -16.90 7.14
C ASP A 60 -7.49 -15.92 7.50
N CYS A 61 -7.52 -14.75 6.86
CA CYS A 61 -6.56 -13.69 7.15
C CYS A 61 -6.84 -13.08 8.54
N MET A 62 -8.02 -13.37 9.07
CA MET A 62 -8.40 -12.88 10.39
C MET A 62 -7.47 -13.43 11.44
N GLY A 63 -6.78 -12.54 12.14
CA GLY A 63 -5.86 -12.95 13.18
C GLY A 63 -4.51 -13.36 12.62
N ALA A 64 -4.47 -13.63 11.34
CA ALA A 64 -3.26 -14.05 10.68
C ALA A 64 -2.38 -12.87 10.32
N HIS A 65 -2.98 -11.84 9.72
CA HIS A 65 -2.21 -10.67 9.34
C HIS A 65 -2.36 -9.55 10.33
N TRP A 66 -3.54 -8.91 10.34
CA TRP A 66 -3.76 -7.74 11.18
C TRP A 66 -3.48 -7.97 12.65
N PHE A 67 -2.60 -7.12 13.18
CA PHE A 67 -2.20 -7.13 14.59
C PHE A 67 -1.43 -8.40 14.94
N GLY A 68 -1.03 -9.16 13.92
CA GLY A 68 -0.26 -10.35 14.13
C GLY A 68 1.17 -10.02 14.43
N GLY A 1 27.05 23.16 -19.34
CA GLY A 1 27.20 23.49 -17.91
C GLY A 1 26.65 22.40 -17.01
N SER A 2 26.77 21.15 -17.43
CA SER A 2 26.28 20.05 -16.66
C SER A 2 27.44 19.36 -15.95
N ALA A 3 27.16 18.83 -14.77
CA ALA A 3 28.17 18.16 -13.98
C ALA A 3 27.58 16.92 -13.33
N GLU A 4 28.40 16.20 -12.60
CA GLU A 4 27.95 15.02 -11.90
C GLU A 4 28.61 14.95 -10.53
N ALA A 5 28.10 14.07 -9.69
CA ALA A 5 28.66 13.88 -8.37
C ALA A 5 28.72 12.40 -8.06
N ARG A 6 29.28 12.07 -6.94
CA ARG A 6 29.39 10.69 -6.53
C ARG A 6 28.16 10.31 -5.73
N TRP A 7 27.23 9.64 -6.37
CA TRP A 7 26.03 9.19 -5.70
C TRP A 7 26.24 7.87 -4.99
N ASP A 8 26.61 7.96 -3.73
CA ASP A 8 26.87 6.78 -2.92
C ASP A 8 25.83 6.64 -1.82
N GLU A 9 25.06 5.59 -1.88
CA GLU A 9 24.06 5.33 -0.88
C GLU A 9 23.97 3.84 -0.61
N ALA A 10 24.21 3.45 0.63
CA ALA A 10 24.17 2.06 1.02
C ALA A 10 23.26 1.85 2.21
N SER A 11 22.63 2.91 2.66
CA SER A 11 21.73 2.85 3.79
C SER A 11 20.46 2.09 3.41
N ASN A 12 20.21 0.99 4.09
CA ASN A 12 19.05 0.18 3.80
C ASN A 12 17.84 0.68 4.56
N VAL A 13 16.93 1.29 3.84
CA VAL A 13 15.71 1.80 4.44
C VAL A 13 14.61 0.76 4.32
N THR A 14 13.92 0.49 5.42
CA THR A 14 12.83 -0.46 5.42
C THR A 14 11.64 0.05 4.59
N ILE A 15 11.68 -0.24 3.30
CA ILE A 15 10.64 0.23 2.40
C ILE A 15 10.72 -0.48 1.05
N LYS A 16 9.74 -1.33 0.79
CA LYS A 16 9.62 -1.96 -0.51
C LYS A 16 9.12 -0.92 -1.51
N VAL A 17 8.00 -0.32 -1.16
CA VAL A 17 7.41 0.78 -1.91
C VAL A 17 6.75 1.69 -0.90
N SER A 18 6.82 3.00 -1.12
CA SER A 18 6.27 3.97 -0.20
C SER A 18 4.76 3.80 -0.03
N THR A 19 4.03 4.08 -1.09
CA THR A 19 2.60 3.92 -1.09
C THR A 19 2.19 2.80 -2.01
N LYS A 20 1.36 1.91 -1.51
CA LYS A 20 0.92 0.77 -2.28
C LYS A 20 -0.48 1.02 -2.82
N PRO A 21 -0.76 0.61 -4.06
CA PRO A 21 -2.06 0.84 -4.68
C PRO A 21 -3.15 -0.09 -4.12
N CYS A 22 -4.28 0.51 -3.78
CA CYS A 22 -5.45 -0.24 -3.33
C CYS A 22 -5.88 -1.21 -4.42
N PRO A 23 -6.39 -2.39 -4.07
CA PRO A 23 -6.81 -3.38 -5.04
C PRO A 23 -8.17 -3.02 -5.63
N LYS A 24 -8.68 -1.87 -5.21
CA LYS A 24 -9.96 -1.39 -5.67
C LYS A 24 -9.78 -0.12 -6.52
N CYS A 25 -9.32 0.96 -5.88
CA CYS A 25 -9.16 2.24 -6.55
C CYS A 25 -7.74 2.45 -7.06
N ARG A 26 -6.81 1.64 -6.55
CA ARG A 26 -5.39 1.72 -6.93
C ARG A 26 -4.75 3.03 -6.48
N THR A 27 -5.34 3.67 -5.48
CA THR A 27 -4.79 4.89 -4.96
C THR A 27 -3.56 4.61 -4.10
N PRO A 28 -2.63 5.58 -4.02
CA PRO A 28 -1.41 5.43 -3.23
C PRO A 28 -1.70 5.37 -1.73
N THR A 29 -1.83 4.17 -1.22
CA THR A 29 -2.08 3.97 0.18
C THR A 29 -0.76 3.82 0.92
N GLU A 30 -0.51 4.74 1.82
CA GLU A 30 0.70 4.70 2.61
C GLU A 30 0.68 3.52 3.55
N ARG A 31 1.85 3.05 3.90
CA ARG A 31 1.97 1.89 4.76
C ARG A 31 1.52 2.21 6.18
N ASP A 32 0.76 1.30 6.73
CA ASP A 32 0.31 1.41 8.10
C ASP A 32 1.34 0.76 9.01
N GLY A 33 1.93 1.56 9.89
CA GLY A 33 2.99 1.05 10.73
C GLY A 33 2.49 0.50 12.06
N GLY A 34 1.21 0.65 12.32
CA GLY A 34 0.64 0.17 13.57
C GLY A 34 0.17 -1.26 13.47
N CYS A 35 0.05 -1.76 12.26
CA CYS A 35 -0.42 -3.11 12.03
C CYS A 35 0.01 -3.59 10.65
N MET A 36 -0.02 -4.90 10.45
CA MET A 36 0.31 -5.48 9.15
C MET A 36 -0.95 -5.53 8.29
N HIS A 37 -1.80 -4.56 8.52
CA HIS A 37 -3.06 -4.40 7.83
C HIS A 37 -3.10 -2.99 7.23
N MET A 38 -3.30 -2.92 5.95
CA MET A 38 -3.33 -1.63 5.27
C MET A 38 -4.74 -1.12 5.13
N VAL A 39 -4.90 0.14 5.42
CA VAL A 39 -6.20 0.77 5.37
C VAL A 39 -6.26 1.79 4.23
N CYS A 40 -7.19 1.58 3.31
CA CYS A 40 -7.39 2.54 2.24
C CYS A 40 -8.08 3.76 2.80
N THR A 41 -7.30 4.78 3.04
CA THR A 41 -7.79 6.00 3.64
C THR A 41 -8.40 6.94 2.58
N ARG A 42 -8.69 6.39 1.40
CA ARG A 42 -9.30 7.17 0.34
C ARG A 42 -10.76 7.44 0.68
N ALA A 43 -11.19 8.68 0.49
CA ALA A 43 -12.56 9.06 0.74
C ALA A 43 -13.49 8.40 -0.27
N GLY A 44 -14.51 7.74 0.21
CA GLY A 44 -15.45 7.06 -0.67
C GLY A 44 -15.15 5.59 -0.80
N CYS A 45 -13.90 5.21 -0.53
CA CYS A 45 -13.49 3.83 -0.63
C CYS A 45 -13.73 3.13 0.71
N GLY A 46 -12.93 3.49 1.71
CA GLY A 46 -13.06 2.89 3.03
C GLY A 46 -12.82 1.40 2.98
N PHE A 47 -11.89 0.99 2.15
CA PHE A 47 -11.60 -0.41 1.97
C PHE A 47 -10.41 -0.83 2.83
N GLU A 48 -10.36 -2.10 3.18
CA GLU A 48 -9.28 -2.63 3.97
C GLU A 48 -8.69 -3.86 3.31
N TRP A 49 -7.39 -3.99 3.38
CA TRP A 49 -6.69 -5.12 2.80
C TRP A 49 -5.42 -5.41 3.58
N CYS A 50 -5.11 -6.66 3.78
CA CYS A 50 -3.95 -7.02 4.57
C CYS A 50 -2.65 -6.86 3.77
N TRP A 51 -1.56 -6.79 4.50
CA TRP A 51 -0.24 -6.57 3.91
C TRP A 51 0.21 -7.75 3.05
N VAL A 52 0.32 -8.93 3.67
CA VAL A 52 0.77 -10.14 2.97
C VAL A 52 -0.15 -10.46 1.77
N CYS A 53 -1.45 -10.39 1.99
CA CYS A 53 -2.41 -10.68 0.94
C CYS A 53 -2.90 -9.38 0.32
N GLN A 54 -2.28 -8.97 -0.77
CA GLN A 54 -2.68 -7.74 -1.45
C GLN A 54 -4.01 -7.94 -2.19
N THR A 55 -5.06 -8.04 -1.42
CA THR A 55 -6.39 -8.24 -1.93
C THR A 55 -7.38 -8.07 -0.77
N GLU A 56 -8.64 -8.35 -1.01
CA GLU A 56 -9.65 -8.20 0.03
C GLU A 56 -9.44 -9.21 1.14
N TRP A 57 -9.73 -8.79 2.36
CA TRP A 57 -9.52 -9.62 3.54
C TRP A 57 -10.24 -10.96 3.44
N THR A 58 -9.62 -11.98 3.99
CA THR A 58 -10.18 -13.30 3.99
C THR A 58 -10.27 -13.84 5.40
N ARG A 59 -11.12 -14.84 5.60
CA ARG A 59 -11.32 -15.42 6.92
C ARG A 59 -10.21 -16.41 7.23
N ASP A 60 -9.34 -16.65 6.26
CA ASP A 60 -8.23 -17.58 6.43
C ASP A 60 -7.16 -16.98 7.34
N CYS A 61 -6.76 -15.76 7.06
CA CYS A 61 -5.75 -15.08 7.88
C CYS A 61 -6.41 -14.07 8.82
N MET A 62 -7.67 -14.31 9.13
CA MET A 62 -8.41 -13.44 10.01
C MET A 62 -7.87 -13.51 11.43
N GLY A 63 -7.31 -12.41 11.88
CA GLY A 63 -6.74 -12.33 13.20
C GLY A 63 -5.24 -12.29 13.17
N ALA A 64 -4.63 -13.44 12.93
CA ALA A 64 -3.17 -13.57 12.89
C ALA A 64 -2.61 -13.07 11.56
N HIS A 65 -2.81 -11.79 11.27
CA HIS A 65 -2.34 -11.21 10.02
C HIS A 65 -2.60 -9.71 9.99
N TRP A 66 -3.74 -9.29 10.52
CA TRP A 66 -4.08 -7.87 10.52
C TRP A 66 -3.10 -7.09 11.38
N PHE A 67 -2.80 -7.63 12.54
CA PHE A 67 -1.90 -6.98 13.46
C PHE A 67 -0.45 -7.29 13.10
N GLY A 68 -0.20 -8.53 12.75
CA GLY A 68 1.13 -8.95 12.39
C GLY A 68 1.27 -10.45 12.48
#